data_1HE1
#
_entry.id   1HE1
#
_cell.length_a   46.025
_cell.length_b   125.087
_cell.length_c   136.284
_cell.angle_alpha   90.00
_cell.angle_beta   90.00
_cell.angle_gamma   90.00
#
_symmetry.space_group_name_H-M   'P 21 21 21'
#
loop_
_entity.id
_entity.type
_entity.pdbx_description
1 polymer 'EXOENZYME S'
2 polymer 'RAS-RELATED C3 BOTULINUM TOXIN SUBSTRATE 1'
3 non-polymer 'NICKEL (II) ION'
4 non-polymer "GUANOSINE-5'-DIPHOSPHATE"
5 non-polymer 'ALUMINUM FLUORIDE'
6 non-polymer 'MAGNESIUM ION'
7 water water
#
loop_
_entity_poly.entity_id
_entity_poly.type
_entity_poly.pdbx_seq_one_letter_code
_entity_poly.pdbx_strand_id
1 'polypeptide(L)'
;ASSAVVFKQMVLQQALPMTLKGLDKASELATLTPEGLAREHSRLASGDGALRSLSTALAGIRAGSQVEESRIQAGRLLER
SIGGIALQQWGTTGGAASQLVLDASPELRREITDQLHQVMSEVALLRQAVESEVS
;
A,B
2 'polypeptide(L)'
;PQAIKCVVVGDGAVGKTCLLISYTTNAFPGEYIPTVFDNYSANVMVDGKPVNLGLWDTAGQEDYDRLRPLSYPQTDVFLI
CFSLVSPASFENVRAKWYPEVRHHCPNTPIILVGTKLDLRDDKDTIEKLKEKKLTPITYPQGLAMAKEIGAVKYLECSAL
TQRGLKTVFDEAIRAV
;
C,D
#
loop_
_chem_comp.id
_chem_comp.type
_chem_comp.name
_chem_comp.formula
AF3 non-polymer 'ALUMINUM FLUORIDE' 'Al F3'
GDP RNA linking GUANOSINE-5'-DIPHOSPHATE 'C10 H15 N5 O11 P2'
MG non-polymer 'MAGNESIUM ION' 'Mg 2'
NI non-polymer 'NICKEL (II) ION' 'Ni 2'
#
# COMPACT_ATOMS: atom_id res chain seq x y z
N ALA A 1 -12.55 -5.64 0.52
CA ALA A 1 -11.26 -6.39 0.39
C ALA A 1 -10.68 -6.71 1.77
N SER A 2 -10.30 -7.97 1.96
CA SER A 2 -9.70 -8.39 3.22
C SER A 2 -8.25 -7.91 3.21
N SER A 3 -7.71 -7.72 2.01
CA SER A 3 -6.34 -7.25 1.86
C SER A 3 -6.30 -5.74 2.18
N ALA A 4 -7.47 -5.11 2.12
CA ALA A 4 -7.58 -3.70 2.40
C ALA A 4 -7.30 -3.48 3.89
N VAL A 5 -7.63 -4.48 4.70
CA VAL A 5 -7.38 -4.41 6.14
C VAL A 5 -5.90 -4.67 6.41
N VAL A 6 -5.27 -5.46 5.54
CA VAL A 6 -3.86 -5.76 5.67
C VAL A 6 -3.09 -4.49 5.37
N PHE A 7 -3.44 -3.83 4.27
CA PHE A 7 -2.78 -2.58 3.92
C PHE A 7 -2.98 -1.57 5.05
N LYS A 8 -4.23 -1.41 5.50
CA LYS A 8 -4.50 -0.46 6.58
C LYS A 8 -3.63 -0.78 7.81
N GLN A 9 -3.50 -2.07 8.11
CA GLN A 9 -2.70 -2.48 9.26
C GLN A 9 -1.24 -2.12 9.05
N MET A 10 -0.75 -2.32 7.83
CA MET A 10 0.64 -1.99 7.49
C MET A 10 0.87 -0.50 7.67
N VAL A 11 -0.08 0.30 7.21
CA VAL A 11 0.01 1.75 7.31
C VAL A 11 0.00 2.18 8.78
N LEU A 12 -0.96 1.66 9.55
CA LEU A 12 -1.03 2.02 10.97
C LEU A 12 0.25 1.65 11.71
N GLN A 13 0.87 0.53 11.37
CA GLN A 13 2.11 0.15 12.03
C GLN A 13 3.20 1.13 11.66
N GLN A 14 3.19 1.58 10.41
CA GLN A 14 4.18 2.51 9.92
C GLN A 14 4.06 3.85 10.68
N ALA A 15 2.86 4.15 11.16
CA ALA A 15 2.60 5.40 11.88
C ALA A 15 3.11 5.43 13.33
N LEU A 16 3.48 4.27 13.87
CA LEU A 16 3.92 4.21 15.25
C LEU A 16 4.99 5.25 15.65
N PRO A 17 6.10 5.35 14.90
CA PRO A 17 7.12 6.34 15.26
C PRO A 17 6.55 7.76 15.24
N MET A 18 5.56 7.96 14.38
CA MET A 18 4.93 9.26 14.25
C MET A 18 4.07 9.62 15.45
N THR A 19 3.45 8.63 16.07
CA THR A 19 2.61 8.93 17.24
C THR A 19 3.49 9.47 18.37
N LEU A 20 4.75 9.04 18.43
CA LEU A 20 5.65 9.53 19.46
C LEU A 20 5.88 11.03 19.31
N LYS A 21 5.94 11.50 18.06
CA LYS A 21 6.13 12.92 17.82
C LYS A 21 4.85 13.65 18.24
N GLY A 22 3.72 13.01 18.02
CA GLY A 22 2.45 13.59 18.43
C GLY A 22 2.40 13.68 19.94
N LEU A 23 2.88 12.64 20.63
CA LEU A 23 2.88 12.70 22.08
C LEU A 23 3.76 13.84 22.57
N ASP A 24 4.81 14.16 21.82
CA ASP A 24 5.69 15.27 22.20
C ASP A 24 4.89 16.56 22.21
N LYS A 25 4.00 16.73 21.23
CA LYS A 25 3.18 17.92 21.11
C LYS A 25 2.18 18.05 22.27
N ALA A 26 1.99 16.95 22.99
CA ALA A 26 1.05 16.94 24.12
C ALA A 26 1.68 17.34 25.46
N SER A 27 2.99 17.56 25.47
CA SER A 27 3.68 17.87 26.72
C SER A 27 3.18 19.09 27.48
N GLU A 28 2.66 20.12 26.81
CA GLU A 28 2.21 21.28 27.56
C GLU A 28 1.05 20.94 28.49
N LEU A 29 0.39 19.82 28.25
CA LEU A 29 -0.72 19.43 29.12
C LEU A 29 -0.25 19.21 30.57
N ALA A 30 1.03 18.88 30.76
CA ALA A 30 1.54 18.64 32.13
C ALA A 30 1.57 19.90 32.98
N THR A 31 1.62 21.05 32.32
CA THR A 31 1.68 22.33 33.02
C THR A 31 0.49 23.23 32.72
N LEU A 32 -0.58 22.67 32.16
CA LEU A 32 -1.77 23.45 31.84
C LEU A 32 -2.45 23.94 33.13
N THR A 33 -2.89 25.19 33.14
CA THR A 33 -3.57 25.74 34.31
C THR A 33 -5.07 25.80 34.01
N PRO A 34 -5.92 25.88 35.04
CA PRO A 34 -7.36 25.93 34.85
C PRO A 34 -7.79 27.15 34.00
N GLU A 35 -7.07 28.25 34.14
CA GLU A 35 -7.37 29.46 33.37
C GLU A 35 -7.00 29.20 31.90
N GLY A 36 -5.82 28.61 31.70
CA GLY A 36 -5.38 28.31 30.36
C GLY A 36 -6.35 27.35 29.66
N LEU A 37 -6.85 26.37 30.41
CA LEU A 37 -7.79 25.40 29.85
C LEU A 37 -9.01 26.08 29.22
N ALA A 38 -9.66 26.95 29.99
CA ALA A 38 -10.85 27.64 29.50
C ALA A 38 -10.52 28.48 28.26
N ARG A 39 -9.46 29.25 28.37
CA ARG A 39 -9.00 30.13 27.31
C ARG A 39 -8.50 29.45 26.03
N GLU A 40 -7.70 28.40 26.19
CA GLU A 40 -7.09 27.72 25.04
C GLU A 40 -7.71 26.42 24.53
N HIS A 41 -8.81 25.95 25.11
CA HIS A 41 -9.34 24.68 24.64
C HIS A 41 -9.54 24.55 23.15
N SER A 42 -10.17 25.54 22.52
CA SER A 42 -10.41 25.45 21.09
C SER A 42 -9.09 25.33 20.32
N ARG A 43 -8.02 25.95 20.79
CA ARG A 43 -6.72 25.84 20.11
C ARG A 43 -6.13 24.45 20.39
N LEU A 44 -6.16 24.04 21.65
CA LEU A 44 -5.64 22.74 22.08
C LEU A 44 -6.36 21.58 21.39
N ALA A 45 -7.62 21.77 21.04
CA ALA A 45 -8.43 20.73 20.42
C ALA A 45 -8.60 20.85 18.90
N SER A 46 -7.75 21.62 18.23
CA SER A 46 -7.82 21.73 16.77
C SER A 46 -6.39 21.63 16.19
N GLY A 47 -6.27 21.36 14.89
CA GLY A 47 -4.94 21.25 14.30
C GLY A 47 -4.07 20.25 15.05
N ASP A 48 -2.84 20.64 15.39
CA ASP A 48 -1.98 19.74 16.14
C ASP A 48 -1.85 20.23 17.60
N GLY A 49 -2.90 20.91 18.08
CA GLY A 49 -2.93 21.38 19.46
C GLY A 49 -2.75 20.19 20.39
N ALA A 50 -2.20 20.42 21.58
CA ALA A 50 -1.92 19.32 22.52
C ALA A 50 -3.01 18.27 22.74
N LEU A 51 -4.25 18.68 22.97
CA LEU A 51 -5.28 17.67 23.23
C LEU A 51 -5.61 16.86 21.99
N ARG A 52 -5.61 17.50 20.81
CA ARG A 52 -5.92 16.73 19.59
C ARG A 52 -4.73 15.87 19.20
N SER A 53 -3.51 16.37 19.38
CA SER A 53 -2.33 15.55 19.09
C SER A 53 -2.32 14.34 20.02
N LEU A 54 -2.77 14.53 21.26
CA LEU A 54 -2.82 13.43 22.24
C LEU A 54 -3.81 12.35 21.81
N SER A 55 -5.03 12.77 21.49
CA SER A 55 -6.06 11.84 21.05
C SER A 55 -5.65 11.07 19.81
N THR A 56 -5.11 11.79 18.85
CA THR A 56 -4.71 11.17 17.59
C THR A 56 -3.57 10.16 17.80
N ALA A 57 -2.56 10.53 18.59
CA ALA A 57 -1.44 9.64 18.85
C ALA A 57 -1.90 8.38 19.60
N LEU A 58 -2.75 8.57 20.60
CA LEU A 58 -3.24 7.43 21.36
C LEU A 58 -4.04 6.49 20.47
N ALA A 59 -4.84 7.05 19.57
CA ALA A 59 -5.64 6.23 18.66
C ALA A 59 -4.72 5.45 17.72
N GLY A 60 -3.64 6.10 17.30
CA GLY A 60 -2.68 5.45 16.41
C GLY A 60 -2.03 4.26 17.13
N ILE A 61 -1.65 4.46 18.38
CA ILE A 61 -1.03 3.39 19.16
C ILE A 61 -2.02 2.25 19.40
N ARG A 62 -3.25 2.62 19.72
CA ARG A 62 -4.29 1.64 19.99
C ARG A 62 -4.54 0.75 18.77
N ALA A 63 -4.45 1.34 17.57
CA ALA A 63 -4.69 0.59 16.34
C ALA A 63 -3.43 0.05 15.67
N GLY A 64 -2.30 0.73 15.87
CA GLY A 64 -1.08 0.32 15.22
C GLY A 64 -0.04 -0.47 15.99
N SER A 65 -0.14 -0.52 17.32
CA SER A 65 0.84 -1.26 18.10
C SER A 65 0.65 -2.77 17.93
N GLN A 66 1.75 -3.49 17.90
CA GLN A 66 1.70 -4.93 17.77
C GLN A 66 1.82 -5.60 19.13
N VAL A 67 1.82 -4.78 20.19
CA VAL A 67 1.90 -5.27 21.56
C VAL A 67 0.54 -5.08 22.21
N GLU A 68 -0.12 -6.18 22.56
CA GLU A 68 -1.46 -6.09 23.15
C GLU A 68 -1.57 -5.17 24.35
N GLU A 69 -0.59 -5.23 25.24
CA GLU A 69 -0.61 -4.39 26.43
C GLU A 69 -0.60 -2.90 26.08
N SER A 70 0.19 -2.52 25.07
CA SER A 70 0.23 -1.11 24.67
C SER A 70 -1.11 -0.69 24.07
N ARG A 71 -1.74 -1.58 23.32
CA ARG A 71 -3.04 -1.30 22.72
C ARG A 71 -4.09 -1.10 23.82
N ILE A 72 -4.01 -1.93 24.87
CA ILE A 72 -4.94 -1.85 25.98
C ILE A 72 -4.76 -0.56 26.79
N GLN A 73 -3.51 -0.20 27.08
CA GLN A 73 -3.21 1.03 27.84
C GLN A 73 -3.67 2.28 27.06
N ALA A 74 -3.46 2.29 25.75
CA ALA A 74 -3.87 3.43 24.94
C ALA A 74 -5.40 3.53 25.00
N GLY A 75 -6.08 2.38 24.88
CA GLY A 75 -7.54 2.35 24.94
C GLY A 75 -8.05 2.81 26.30
N ARG A 76 -7.39 2.39 27.37
CA ARG A 76 -7.80 2.81 28.70
C ARG A 76 -7.62 4.33 28.88
N LEU A 77 -6.56 4.89 28.32
CA LEU A 77 -6.35 6.34 28.45
C LEU A 77 -7.44 7.09 27.69
N LEU A 78 -7.69 6.65 26.46
CA LEU A 78 -8.70 7.29 25.64
C LEU A 78 -10.08 7.28 26.28
N GLU A 79 -10.40 6.23 27.02
CA GLU A 79 -11.71 6.14 27.66
C GLU A 79 -11.74 6.71 29.05
N ARG A 80 -10.61 7.22 29.52
CA ARG A 80 -10.56 7.78 30.85
C ARG A 80 -11.53 8.97 30.97
N SER A 81 -12.34 8.97 32.02
CA SER A 81 -13.30 10.05 32.23
C SER A 81 -12.62 11.31 32.78
N ILE A 82 -12.68 12.39 31.99
CA ILE A 82 -12.09 13.67 32.38
C ILE A 82 -13.27 14.60 32.58
N GLY A 83 -13.59 14.91 33.84
CA GLY A 83 -14.73 15.77 34.10
C GLY A 83 -16.03 15.13 33.62
N GLY A 84 -16.02 13.80 33.48
CA GLY A 84 -17.19 13.07 33.03
C GLY A 84 -17.21 12.76 31.53
N ILE A 85 -16.26 13.32 30.79
CA ILE A 85 -16.17 13.09 29.35
C ILE A 85 -14.87 12.37 28.99
N ALA A 86 -14.95 11.32 28.17
CA ALA A 86 -13.76 10.55 27.79
C ALA A 86 -12.63 11.42 27.26
N LEU A 87 -11.39 11.10 27.65
CA LEU A 87 -10.23 11.87 27.19
C LEU A 87 -10.26 12.05 25.67
N GLN A 88 -10.59 10.96 24.98
CA GLN A 88 -10.65 11.01 23.52
C GLN A 88 -11.43 12.21 23.00
N GLN A 89 -12.60 12.45 23.59
CA GLN A 89 -13.47 13.56 23.16
C GLN A 89 -12.98 14.96 23.51
N TRP A 90 -12.03 15.05 24.43
CA TRP A 90 -11.46 16.34 24.80
C TRP A 90 -10.59 16.89 23.69
N GLY A 91 -10.20 16.03 22.75
CA GLY A 91 -9.35 16.45 21.66
C GLY A 91 -10.06 17.02 20.45
N THR A 92 -11.32 17.41 20.61
CA THR A 92 -12.05 18.00 19.50
C THR A 92 -12.93 19.16 19.95
N THR A 93 -13.37 19.97 18.99
CA THR A 93 -14.24 21.11 19.27
C THR A 93 -15.62 20.81 18.69
N GLY A 94 -16.60 21.62 19.07
CA GLY A 94 -17.95 21.44 18.54
C GLY A 94 -18.74 20.33 19.18
N GLY A 95 -18.18 19.74 20.24
CA GLY A 95 -18.86 18.66 20.91
C GLY A 95 -19.09 18.92 22.39
N ALA A 96 -19.27 17.83 23.13
CA ALA A 96 -19.52 17.89 24.56
C ALA A 96 -18.41 18.59 25.35
N ALA A 97 -17.16 18.25 25.07
CA ALA A 97 -16.05 18.88 25.79
C ALA A 97 -16.06 20.40 25.63
N SER A 98 -16.26 20.90 24.40
CA SER A 98 -16.28 22.35 24.19
C SER A 98 -17.38 23.01 25.03
N GLN A 99 -18.53 22.35 25.11
CA GLN A 99 -19.64 22.90 25.88
C GLN A 99 -19.33 22.84 27.38
N LEU A 100 -18.85 21.69 27.85
CA LEU A 100 -18.55 21.55 29.27
C LEU A 100 -17.53 22.58 29.76
N VAL A 101 -16.46 22.77 28.99
CA VAL A 101 -15.42 23.69 29.43
C VAL A 101 -15.92 25.13 29.41
N LEU A 102 -16.85 25.43 28.52
CA LEU A 102 -17.40 26.77 28.43
C LEU A 102 -18.22 27.11 29.68
N ASP A 103 -18.99 26.15 30.16
CA ASP A 103 -19.85 26.34 31.33
C ASP A 103 -19.22 25.91 32.65
N ALA A 104 -17.96 25.49 32.61
CA ALA A 104 -17.27 25.00 33.80
C ALA A 104 -17.02 26.01 34.91
N SER A 105 -17.20 25.57 36.15
CA SER A 105 -16.95 26.42 37.30
C SER A 105 -15.45 26.36 37.54
N PRO A 106 -14.92 27.24 38.42
CA PRO A 106 -13.47 27.19 38.66
C PRO A 106 -13.07 25.83 39.21
N GLU A 107 -13.94 25.24 40.02
CA GLU A 107 -13.66 23.94 40.63
C GLU A 107 -13.61 22.81 39.61
N LEU A 108 -14.46 22.86 38.61
CA LEU A 108 -14.47 21.80 37.60
C LEU A 108 -13.23 21.91 36.73
N ARG A 109 -12.83 23.14 36.41
CA ARG A 109 -11.66 23.36 35.59
C ARG A 109 -10.41 22.85 36.32
N ARG A 110 -10.40 23.02 37.64
CA ARG A 110 -9.28 22.56 38.46
C ARG A 110 -9.23 21.03 38.43
N GLU A 111 -10.40 20.41 38.56
CA GLU A 111 -10.51 18.96 38.54
C GLU A 111 -10.07 18.40 37.18
N ILE A 112 -10.50 19.04 36.10
CA ILE A 112 -10.15 18.61 34.74
C ILE A 112 -8.65 18.74 34.51
N THR A 113 -8.11 19.90 34.87
CA THR A 113 -6.68 20.17 34.73
C THR A 113 -5.86 19.14 35.51
N ASP A 114 -6.25 18.86 36.75
CA ASP A 114 -5.50 17.87 37.54
C ASP A 114 -5.54 16.49 36.88
N GLN A 115 -6.69 16.11 36.32
CA GLN A 115 -6.81 14.81 35.67
C GLN A 115 -5.90 14.77 34.44
N LEU A 116 -5.78 15.91 33.74
CA LEU A 116 -4.90 15.96 32.57
C LEU A 116 -3.43 15.84 33.00
N HIS A 117 -3.07 16.44 34.13
CA HIS A 117 -1.69 16.29 34.59
C HIS A 117 -1.45 14.81 34.88
N GLN A 118 -2.42 14.14 35.49
CA GLN A 118 -2.27 12.72 35.84
C GLN A 118 -2.14 11.84 34.58
N VAL A 119 -2.89 12.18 33.54
CA VAL A 119 -2.85 11.46 32.27
C VAL A 119 -1.42 11.48 31.69
N MET A 120 -0.77 12.65 31.74
CA MET A 120 0.59 12.74 31.21
C MET A 120 1.60 11.81 31.90
N SER A 121 1.36 11.47 33.16
CA SER A 121 2.22 10.51 33.85
C SER A 121 2.05 9.13 33.23
N GLU A 122 0.82 8.77 32.87
CA GLU A 122 0.56 7.47 32.24
C GLU A 122 1.11 7.45 30.81
N VAL A 123 1.06 8.60 30.15
CA VAL A 123 1.59 8.69 28.78
C VAL A 123 3.09 8.35 28.80
N ALA A 124 3.77 8.71 29.87
CA ALA A 124 5.20 8.42 30.00
C ALA A 124 5.42 6.91 29.97
N LEU A 125 4.57 6.17 30.68
CA LEU A 125 4.69 4.72 30.70
C LEU A 125 4.42 4.14 29.30
N LEU A 126 3.33 4.58 28.68
CA LEU A 126 2.98 4.09 27.35
C LEU A 126 4.07 4.41 26.33
N ARG A 127 4.65 5.59 26.47
CA ARG A 127 5.70 6.02 25.56
C ARG A 127 6.94 5.13 25.67
N GLN A 128 7.31 4.78 26.90
CA GLN A 128 8.47 3.92 27.16
C GLN A 128 8.27 2.58 26.44
N ALA A 129 7.05 2.05 26.48
CA ALA A 129 6.77 0.77 25.82
C ALA A 129 6.80 0.91 24.31
N VAL A 130 6.22 1.99 23.80
CA VAL A 130 6.21 2.20 22.35
C VAL A 130 7.60 2.46 21.79
N GLU A 131 8.41 3.26 22.49
CA GLU A 131 9.76 3.53 22.01
C GLU A 131 10.55 2.21 21.94
N SER A 132 10.25 1.31 22.87
CA SER A 132 10.92 0.02 22.91
C SER A 132 10.48 -0.82 21.71
N GLU A 133 9.18 -0.78 21.40
CA GLU A 133 8.65 -1.52 20.27
C GLU A 133 9.23 -1.01 18.95
N VAL A 134 9.35 0.32 18.82
CA VAL A 134 9.88 0.94 17.61
C VAL A 134 11.36 0.60 17.36
N SER A 135 12.14 0.46 18.43
CA SER A 135 13.55 0.14 18.28
C SER A 135 13.81 -1.36 18.21
N ALA B 1 8.17 8.29 -7.65
CA ALA B 1 7.94 8.86 -6.29
C ALA B 1 8.75 8.08 -5.26
N SER B 2 9.31 8.80 -4.29
CA SER B 2 10.09 8.18 -3.25
C SER B 2 9.17 7.54 -2.22
N SER B 3 7.87 7.81 -2.32
CA SER B 3 6.90 7.22 -1.40
C SER B 3 6.56 5.83 -1.90
N ALA B 4 6.86 5.59 -3.18
CA ALA B 4 6.62 4.29 -3.79
C ALA B 4 7.68 3.34 -3.29
N VAL B 5 8.89 3.86 -3.05
CA VAL B 5 9.98 3.04 -2.56
C VAL B 5 9.74 2.75 -1.08
N VAL B 6 8.98 3.62 -0.42
CA VAL B 6 8.63 3.42 0.98
C VAL B 6 7.62 2.28 1.04
N PHE B 7 6.62 2.35 0.17
CA PHE B 7 5.59 1.33 0.11
C PHE B 7 6.27 0.00 -0.21
N LYS B 8 7.24 0.03 -1.12
CA LYS B 8 7.95 -1.18 -1.50
C LYS B 8 8.62 -1.78 -0.28
N GLN B 9 9.30 -0.92 0.49
CA GLN B 9 9.99 -1.39 1.67
C GLN B 9 9.00 -1.98 2.66
N MET B 10 7.82 -1.38 2.76
CA MET B 10 6.78 -1.88 3.65
C MET B 10 6.35 -3.27 3.21
N VAL B 11 6.17 -3.43 1.90
CA VAL B 11 5.78 -4.73 1.35
C VAL B 11 6.88 -5.75 1.60
N LEU B 12 8.13 -5.39 1.30
CA LEU B 12 9.23 -6.34 1.51
C LEU B 12 9.37 -6.77 2.97
N GLN B 13 9.03 -5.88 3.91
CA GLN B 13 9.12 -6.24 5.32
C GLN B 13 7.98 -7.17 5.70
N GLN B 14 6.84 -6.98 5.05
CA GLN B 14 5.67 -7.82 5.29
C GLN B 14 5.94 -9.25 4.77
N ALA B 15 6.84 -9.38 3.80
CA ALA B 15 7.14 -10.69 3.24
C ALA B 15 8.04 -11.60 4.09
N LEU B 16 8.64 -11.05 5.14
CA LEU B 16 9.56 -11.84 5.94
C LEU B 16 9.08 -13.22 6.40
N PRO B 17 7.90 -13.30 7.04
CA PRO B 17 7.45 -14.62 7.48
C PRO B 17 7.19 -15.60 6.33
N MET B 18 6.94 -15.06 5.14
CA MET B 18 6.69 -15.89 3.97
C MET B 18 7.99 -16.50 3.47
N THR B 19 9.10 -15.80 3.66
CA THR B 19 10.39 -16.33 3.22
C THR B 19 10.71 -17.60 4.02
N LEU B 20 10.22 -17.66 5.26
CA LEU B 20 10.45 -18.84 6.08
C LEU B 20 9.78 -20.04 5.42
N LYS B 21 8.58 -19.87 4.87
CA LYS B 21 7.90 -20.96 4.20
C LYS B 21 8.69 -21.35 2.94
N GLY B 22 9.27 -20.34 2.28
CA GLY B 22 10.06 -20.60 1.10
C GLY B 22 11.30 -21.39 1.46
N LEU B 23 11.90 -21.07 2.59
CA LEU B 23 13.09 -21.81 3.02
C LEU B 23 12.68 -23.26 3.27
N ASP B 24 11.46 -23.47 3.75
CA ASP B 24 11.02 -24.85 4.00
C ASP B 24 10.91 -25.59 2.67
N LYS B 25 10.53 -24.88 1.60
CA LYS B 25 10.41 -25.49 0.27
C LYS B 25 11.80 -25.84 -0.28
N ALA B 26 12.84 -25.34 0.37
CA ALA B 26 14.21 -25.60 -0.08
C ALA B 26 14.88 -26.76 0.68
N SER B 27 14.17 -27.37 1.61
CA SER B 27 14.77 -28.46 2.39
C SER B 27 15.23 -29.66 1.56
N GLU B 28 14.66 -29.85 0.37
CA GLU B 28 15.06 -30.95 -0.51
C GLU B 28 16.57 -30.88 -0.77
N LEU B 29 17.09 -29.66 -0.86
CA LEU B 29 18.49 -29.46 -1.16
C LEU B 29 19.48 -30.12 -0.21
N ALA B 30 19.08 -30.29 1.05
CA ALA B 30 19.96 -30.90 2.04
C ALA B 30 20.33 -32.36 1.74
N THR B 31 19.50 -33.07 0.98
CA THR B 31 19.79 -34.47 0.67
C THR B 31 19.83 -34.76 -0.83
N LEU B 32 20.01 -33.71 -1.62
CA LEU B 32 20.07 -33.82 -3.07
C LEU B 32 21.23 -34.74 -3.50
N THR B 33 21.06 -35.47 -4.60
CA THR B 33 22.13 -36.34 -5.10
C THR B 33 22.61 -35.74 -6.43
N PRO B 34 23.86 -36.03 -6.82
CA PRO B 34 24.40 -35.52 -8.08
C PRO B 34 23.50 -35.89 -9.25
N GLU B 35 23.01 -37.13 -9.22
CA GLU B 35 22.14 -37.65 -10.28
C GLU B 35 20.83 -36.86 -10.31
N GLY B 36 20.24 -36.66 -9.14
CA GLY B 36 18.98 -35.93 -9.06
C GLY B 36 19.15 -34.52 -9.59
N LEU B 37 20.28 -33.88 -9.25
CA LEU B 37 20.56 -32.53 -9.72
C LEU B 37 20.59 -32.46 -11.25
N ALA B 38 21.35 -33.35 -11.88
CA ALA B 38 21.46 -33.37 -13.33
C ALA B 38 20.12 -33.63 -14.01
N ARG B 39 19.34 -34.54 -13.42
CA ARG B 39 18.06 -34.91 -13.99
C ARG B 39 16.91 -33.95 -13.70
N GLU B 40 16.90 -33.35 -12.50
CA GLU B 40 15.81 -32.51 -12.07
C GLU B 40 16.07 -31.01 -11.95
N HIS B 41 17.20 -30.51 -12.40
CA HIS B 41 17.45 -29.09 -12.24
C HIS B 41 16.31 -28.21 -12.76
N SER B 42 15.74 -28.55 -13.92
CA SER B 42 14.65 -27.73 -14.47
C SER B 42 13.48 -27.66 -13.50
N ARG B 43 13.16 -28.75 -12.81
CA ARG B 43 12.07 -28.72 -11.82
C ARG B 43 12.50 -27.90 -10.59
N LEU B 44 13.73 -28.10 -10.14
CA LEU B 44 14.25 -27.39 -8.96
C LEU B 44 14.37 -25.89 -9.17
N ALA B 45 14.59 -25.48 -10.43
CA ALA B 45 14.77 -24.07 -10.74
C ALA B 45 13.58 -23.40 -11.39
N SER B 46 12.38 -23.98 -11.21
CA SER B 46 11.16 -23.38 -11.74
C SER B 46 10.03 -23.52 -10.70
N GLY B 47 9.00 -22.70 -10.84
CA GLY B 47 7.89 -22.72 -9.90
C GLY B 47 8.42 -22.51 -8.50
N ASP B 48 8.01 -23.36 -7.57
CA ASP B 48 8.54 -23.22 -6.22
C ASP B 48 9.54 -24.36 -5.95
N GLY B 49 10.22 -24.78 -7.01
CA GLY B 49 11.23 -25.82 -6.91
C GLY B 49 12.26 -25.37 -5.89
N ALA B 50 12.91 -26.30 -5.20
CA ALA B 50 13.85 -25.95 -4.13
C ALA B 50 14.88 -24.86 -4.42
N LEU B 51 15.56 -24.92 -5.56
CA LEU B 51 16.57 -23.90 -5.84
C LEU B 51 15.98 -22.50 -6.02
N ARG B 52 14.85 -22.42 -6.73
CA ARG B 52 14.21 -21.13 -6.95
C ARG B 52 13.55 -20.63 -5.67
N SER B 53 12.99 -21.56 -4.88
CA SER B 53 12.39 -21.15 -3.61
C SER B 53 13.49 -20.61 -2.68
N LEU B 54 14.68 -21.19 -2.75
CA LEU B 54 15.80 -20.73 -1.91
C LEU B 54 16.27 -19.34 -2.38
N SER B 55 16.49 -19.18 -3.68
CA SER B 55 16.92 -17.88 -4.21
C SER B 55 15.91 -16.79 -3.88
N THR B 56 14.63 -17.11 -4.06
CA THR B 56 13.58 -16.14 -3.79
C THR B 56 13.49 -15.78 -2.29
N ALA B 57 13.55 -16.78 -1.44
CA ALA B 57 13.49 -16.55 0.01
C ALA B 57 14.69 -15.75 0.51
N LEU B 58 15.89 -16.08 0.04
CA LEU B 58 17.08 -15.36 0.49
C LEU B 58 17.01 -13.92 -0.01
N ALA B 59 16.48 -13.72 -1.22
CA ALA B 59 16.35 -12.37 -1.77
C ALA B 59 15.39 -11.57 -0.92
N GLY B 60 14.34 -12.22 -0.45
CA GLY B 60 13.35 -11.55 0.39
C GLY B 60 13.93 -11.15 1.74
N ILE B 61 14.73 -12.04 2.32
CA ILE B 61 15.34 -11.76 3.60
C ILE B 61 16.33 -10.60 3.44
N ARG B 62 17.14 -10.66 2.39
CA ARG B 62 18.13 -9.62 2.12
C ARG B 62 17.50 -8.24 2.01
N ALA B 63 16.32 -8.17 1.39
CA ALA B 63 15.63 -6.90 1.21
C ALA B 63 14.69 -6.53 2.35
N GLY B 64 14.13 -7.52 3.04
CA GLY B 64 13.16 -7.22 4.08
C GLY B 64 13.48 -7.41 5.56
N SER B 65 14.64 -7.99 5.89
CA SER B 65 14.99 -8.17 7.28
C SER B 65 15.50 -6.84 7.83
N GLN B 66 15.24 -6.59 9.10
CA GLN B 66 15.71 -5.36 9.70
C GLN B 66 16.91 -5.61 10.60
N VAL B 67 17.46 -6.82 10.47
CA VAL B 67 18.63 -7.24 11.23
C VAL B 67 19.76 -7.29 10.21
N GLU B 68 20.73 -6.38 10.34
CA GLU B 68 21.85 -6.30 9.42
C GLU B 68 22.57 -7.63 9.20
N GLU B 69 22.77 -8.40 10.26
CA GLU B 69 23.46 -9.67 10.16
C GLU B 69 22.69 -10.62 9.24
N SER B 70 21.36 -10.59 9.32
CA SER B 70 20.53 -11.45 8.47
C SER B 70 20.61 -11.04 7.02
N ARG B 71 20.59 -9.74 6.75
CA ARG B 71 20.67 -9.26 5.39
C ARG B 71 22.03 -9.65 4.82
N ILE B 72 23.06 -9.57 5.67
CA ILE B 72 24.42 -9.91 5.26
C ILE B 72 24.55 -11.39 4.93
N GLN B 73 24.06 -12.25 5.83
CA GLN B 73 24.14 -13.67 5.61
C GLN B 73 23.35 -14.09 4.35
N ALA B 74 22.17 -13.52 4.17
CA ALA B 74 21.35 -13.84 2.99
C ALA B 74 22.11 -13.46 1.73
N GLY B 75 22.62 -12.23 1.69
CA GLY B 75 23.36 -11.78 0.53
C GLY B 75 24.60 -12.62 0.28
N ARG B 76 25.29 -12.99 1.35
CA ARG B 76 26.48 -13.81 1.26
C ARG B 76 26.17 -15.16 0.62
N LEU B 77 25.10 -15.79 1.07
CA LEU B 77 24.71 -17.09 0.52
C LEU B 77 24.36 -16.98 -0.95
N LEU B 78 23.58 -15.95 -1.31
CA LEU B 78 23.16 -15.75 -2.71
C LEU B 78 24.36 -15.53 -3.65
N GLU B 79 25.45 -14.98 -3.10
CA GLU B 79 26.66 -14.71 -3.88
C GLU B 79 27.60 -15.92 -3.91
N ARG B 80 27.36 -16.86 -3.00
CA ARG B 80 28.20 -18.07 -2.90
C ARG B 80 28.44 -18.74 -4.24
N SER B 81 29.71 -19.01 -4.54
CA SER B 81 30.05 -19.66 -5.81
C SER B 81 29.79 -21.15 -5.73
N ILE B 82 28.93 -21.64 -6.62
CA ILE B 82 28.59 -23.05 -6.69
C ILE B 82 28.99 -23.52 -8.08
N GLY B 83 30.11 -24.23 -8.18
CA GLY B 83 30.56 -24.69 -9.47
C GLY B 83 30.90 -23.49 -10.35
N GLY B 84 31.30 -22.40 -9.73
CA GLY B 84 31.66 -21.21 -10.49
C GLY B 84 30.51 -20.25 -10.80
N ILE B 85 29.29 -20.62 -10.40
CA ILE B 85 28.09 -19.80 -10.63
C ILE B 85 27.50 -19.40 -9.28
N ALA B 86 27.09 -18.15 -9.13
CA ALA B 86 26.49 -17.70 -7.87
C ALA B 86 25.23 -18.52 -7.55
N LEU B 87 25.04 -18.82 -6.26
CA LEU B 87 23.88 -19.60 -5.82
C LEU B 87 22.57 -19.02 -6.37
N GLN B 88 22.45 -17.70 -6.35
CA GLN B 88 21.25 -17.03 -6.85
C GLN B 88 20.87 -17.51 -8.25
N GLN B 89 21.87 -17.67 -9.12
CA GLN B 89 21.63 -18.07 -10.51
C GLN B 89 21.27 -19.54 -10.71
N TRP B 90 21.52 -20.36 -9.68
CA TRP B 90 21.20 -21.77 -9.74
C TRP B 90 19.68 -21.91 -9.63
N GLY B 91 19.03 -20.85 -9.16
CA GLY B 91 17.59 -20.84 -9.00
C GLY B 91 16.77 -20.56 -10.26
N THR B 92 17.41 -20.49 -11.42
CA THR B 92 16.65 -20.24 -12.64
C THR B 92 17.07 -21.15 -13.78
N THR B 93 16.24 -21.23 -14.80
CA THR B 93 16.51 -22.06 -15.98
C THR B 93 16.85 -21.17 -17.17
N GLY B 94 17.39 -21.79 -18.23
CA GLY B 94 17.72 -21.05 -19.44
C GLY B 94 18.99 -20.21 -19.37
N GLY B 95 19.73 -20.35 -18.28
CA GLY B 95 20.96 -19.58 -18.15
C GLY B 95 22.15 -20.50 -17.95
N ALA B 96 23.18 -19.97 -17.30
CA ALA B 96 24.42 -20.72 -17.03
C ALA B 96 24.25 -22.01 -16.25
N ALA B 97 23.43 -21.99 -15.21
CA ALA B 97 23.23 -23.20 -14.40
C ALA B 97 22.62 -24.33 -15.21
N SER B 98 21.61 -24.04 -16.03
CA SER B 98 20.99 -25.09 -16.82
C SER B 98 22.01 -25.77 -17.76
N GLN B 99 22.91 -24.98 -18.34
CA GLN B 99 23.92 -25.53 -19.24
C GLN B 99 25.01 -26.28 -18.48
N LEU B 100 25.45 -25.71 -17.36
CA LEU B 100 26.49 -26.35 -16.56
C LEU B 100 26.09 -27.72 -16.03
N VAL B 101 24.85 -27.87 -15.57
CA VAL B 101 24.43 -29.18 -15.05
C VAL B 101 24.53 -30.24 -16.15
N LEU B 102 24.41 -29.81 -17.40
CA LEU B 102 24.50 -30.72 -18.54
C LEU B 102 25.96 -30.94 -18.95
N ASP B 103 26.77 -29.88 -18.93
CA ASP B 103 28.18 -29.98 -19.32
C ASP B 103 29.12 -30.47 -18.24
N ALA B 104 28.71 -30.33 -16.98
CA ALA B 104 29.53 -30.73 -15.85
C ALA B 104 29.87 -32.22 -15.81
N SER B 105 31.06 -32.54 -15.32
CA SER B 105 31.49 -33.92 -15.19
C SER B 105 30.86 -34.46 -13.91
N PRO B 106 30.86 -35.79 -13.73
CA PRO B 106 30.28 -36.36 -12.51
C PRO B 106 30.97 -35.80 -11.27
N GLU B 107 32.28 -35.59 -11.36
CA GLU B 107 33.05 -35.07 -10.25
C GLU B 107 32.60 -33.65 -9.88
N LEU B 108 32.39 -32.81 -10.89
CA LEU B 108 31.96 -31.44 -10.62
C LEU B 108 30.52 -31.41 -10.08
N ARG B 109 29.69 -32.35 -10.52
CA ARG B 109 28.33 -32.40 -10.03
C ARG B 109 28.32 -32.78 -8.56
N ARG B 110 29.22 -33.69 -8.18
CA ARG B 110 29.33 -34.14 -6.80
C ARG B 110 29.77 -32.95 -5.95
N GLU B 111 30.70 -32.15 -6.48
CA GLU B 111 31.19 -30.96 -5.77
C GLU B 111 30.05 -29.99 -5.54
N ILE B 112 29.31 -29.72 -6.61
CA ILE B 112 28.17 -28.81 -6.53
C ILE B 112 27.19 -29.28 -5.47
N THR B 113 26.87 -30.57 -5.52
CA THR B 113 25.94 -31.16 -4.58
C THR B 113 26.42 -31.02 -3.13
N ASP B 114 27.71 -31.20 -2.90
CA ASP B 114 28.26 -31.05 -1.54
C ASP B 114 28.18 -29.59 -1.12
N GLN B 115 28.42 -28.69 -2.06
CA GLN B 115 28.34 -27.26 -1.77
C GLN B 115 26.93 -26.83 -1.38
N LEU B 116 25.92 -27.42 -2.03
CA LEU B 116 24.55 -27.07 -1.71
C LEU B 116 24.19 -27.61 -0.33
N HIS B 117 24.71 -28.80 0.00
CA HIS B 117 24.45 -29.38 1.31
C HIS B 117 25.03 -28.44 2.36
N GLN B 118 26.20 -27.89 2.05
CA GLN B 118 26.87 -26.96 2.96
C GLN B 118 26.05 -25.69 3.12
N VAL B 119 25.49 -25.19 2.00
CA VAL B 119 24.66 -23.99 2.03
C VAL B 119 23.47 -24.18 2.97
N MET B 120 22.81 -25.33 2.85
CA MET B 120 21.64 -25.59 3.69
C MET B 120 21.96 -25.60 5.19
N SER B 121 23.20 -25.91 5.55
CA SER B 121 23.60 -25.89 6.97
C SER B 121 23.55 -24.46 7.46
N GLU B 122 24.11 -23.56 6.67
CA GLU B 122 24.11 -22.14 7.01
C GLU B 122 22.70 -21.56 6.92
N VAL B 123 21.90 -22.07 5.98
CA VAL B 123 20.52 -21.60 5.85
C VAL B 123 19.77 -21.88 7.15
N ALA B 124 20.01 -23.05 7.73
CA ALA B 124 19.36 -23.42 8.99
C ALA B 124 19.60 -22.35 10.05
N LEU B 125 20.83 -21.84 10.13
CA LEU B 125 21.17 -20.82 11.11
C LEU B 125 20.44 -19.51 10.80
N LEU B 126 20.34 -19.18 9.51
CA LEU B 126 19.67 -17.95 9.12
C LEU B 126 18.18 -18.08 9.43
N ARG B 127 17.61 -19.26 9.17
CA ARG B 127 16.18 -19.45 9.42
C ARG B 127 15.87 -19.17 10.89
N GLN B 128 16.75 -19.61 11.79
CA GLN B 128 16.58 -19.40 13.23
C GLN B 128 16.55 -17.91 13.58
N ALA B 129 17.50 -17.16 13.00
CA ALA B 129 17.59 -15.72 13.22
C ALA B 129 16.32 -15.00 12.75
N VAL B 130 15.84 -15.36 11.55
CA VAL B 130 14.65 -14.74 11.01
C VAL B 130 13.40 -15.15 11.79
N GLU B 131 13.32 -16.41 12.21
CA GLU B 131 12.17 -16.88 12.99
C GLU B 131 12.11 -16.04 14.26
N SER B 132 13.28 -15.69 14.77
CA SER B 132 13.41 -14.89 15.97
C SER B 132 12.92 -13.46 15.67
N GLU B 133 13.36 -12.90 14.56
CA GLU B 133 12.96 -11.55 14.19
C GLU B 133 11.45 -11.45 13.96
N VAL B 134 10.88 -12.48 13.33
CA VAL B 134 9.45 -12.47 13.05
C VAL B 134 8.61 -12.50 14.33
N SER B 135 9.12 -13.14 15.38
CA SER B 135 8.37 -13.19 16.62
C SER B 135 9.03 -12.31 17.68
N PRO C 1 -19.90 -0.90 -13.19
CA PRO C 1 -19.74 0.21 -12.22
C PRO C 1 -18.28 0.69 -12.14
N GLN C 2 -18.08 1.96 -12.45
CA GLN C 2 -16.74 2.55 -12.41
C GLN C 2 -16.30 2.69 -10.95
N ALA C 3 -15.02 2.43 -10.69
CA ALA C 3 -14.49 2.56 -9.34
C ALA C 3 -13.72 3.87 -9.31
N ILE C 4 -14.08 4.75 -8.38
CA ILE C 4 -13.40 6.03 -8.31
C ILE C 4 -12.75 6.21 -6.95
N LYS C 5 -11.46 6.52 -6.96
CA LYS C 5 -10.72 6.73 -5.72
C LYS C 5 -10.61 8.23 -5.43
N CYS C 6 -11.21 8.64 -4.31
CA CYS C 6 -11.20 10.05 -3.89
C CYS C 6 -10.47 10.19 -2.55
N VAL C 7 -9.44 11.03 -2.51
CA VAL C 7 -8.65 11.24 -1.28
C VAL C 7 -8.94 12.63 -0.71
N VAL C 8 -9.16 12.68 0.60
CA VAL C 8 -9.49 13.93 1.28
C VAL C 8 -8.37 14.40 2.20
N VAL C 9 -7.90 15.63 1.98
CA VAL C 9 -6.83 16.20 2.82
C VAL C 9 -7.20 17.60 3.33
N GLY C 10 -6.45 18.04 4.34
CA GLY C 10 -6.68 19.36 4.94
C GLY C 10 -6.25 19.34 6.41
N ASP C 11 -6.17 20.52 7.02
CA ASP C 11 -5.77 20.63 8.43
C ASP C 11 -6.59 19.78 9.40
N GLY C 12 -5.97 19.39 10.51
CA GLY C 12 -6.66 18.60 11.51
C GLY C 12 -7.82 19.41 12.06
N ALA C 13 -8.96 18.75 12.23
CA ALA C 13 -10.20 19.32 12.75
C ALA C 13 -11.02 20.21 11.78
N VAL C 14 -10.68 20.24 10.49
CA VAL C 14 -11.49 21.04 9.57
C VAL C 14 -12.81 20.33 9.28
N GLY C 15 -12.89 19.03 9.59
CA GLY C 15 -14.14 18.30 9.36
C GLY C 15 -14.11 17.24 8.26
N LYS C 16 -12.92 16.74 7.95
CA LYS C 16 -12.79 15.72 6.90
C LYS C 16 -13.57 14.45 7.23
N THR C 17 -13.38 13.93 8.43
CA THR C 17 -14.06 12.71 8.85
C THR C 17 -15.58 12.92 8.96
N CYS C 18 -16.02 14.02 9.56
CA CYS C 18 -17.46 14.26 9.68
C CYS C 18 -18.15 14.35 8.33
N LEU C 19 -17.47 14.99 7.39
CA LEU C 19 -17.96 15.16 6.05
C LEU C 19 -18.11 13.79 5.35
N LEU C 20 -17.08 12.96 5.48
CA LEU C 20 -17.10 11.63 4.85
C LEU C 20 -18.11 10.68 5.49
N ILE C 21 -18.21 10.71 6.81
CA ILE C 21 -19.15 9.83 7.51
C ILE C 21 -20.58 10.29 7.26
N SER C 22 -20.78 11.60 7.31
CA SER C 22 -22.11 12.14 7.09
C SER C 22 -22.62 11.73 5.71
N TYR C 23 -21.72 11.70 4.74
CA TYR C 23 -22.08 11.33 3.38
C TYR C 23 -22.27 9.82 3.22
N THR C 24 -21.32 9.04 3.71
CA THR C 24 -21.41 7.58 3.54
C THR C 24 -22.48 6.90 4.38
N THR C 25 -22.76 7.42 5.57
CA THR C 25 -23.75 6.79 6.45
C THR C 25 -25.06 7.56 6.52
N ASN C 26 -25.04 8.78 6.01
CA ASN C 26 -26.21 9.65 6.01
C ASN C 26 -26.49 10.22 7.41
N ALA C 27 -25.53 10.07 8.32
CA ALA C 27 -25.68 10.61 9.67
C ALA C 27 -24.36 11.20 10.15
N PHE C 28 -24.42 12.35 10.82
CA PHE C 28 -23.26 13.04 11.36
C PHE C 28 -22.69 12.12 12.45
N PRO C 29 -21.35 11.96 12.55
CA PRO C 29 -20.77 11.09 13.58
C PRO C 29 -21.30 11.39 14.98
N GLY C 30 -21.61 10.34 15.73
CA GLY C 30 -22.10 10.51 17.08
C GLY C 30 -21.01 10.94 18.04
N GLU C 31 -19.76 10.64 17.69
CA GLU C 31 -18.64 11.03 18.55
C GLU C 31 -17.41 11.21 17.68
N TYR C 32 -16.37 11.81 18.24
CA TYR C 32 -15.13 12.07 17.50
C TYR C 32 -14.18 10.88 17.53
N ILE C 33 -13.75 10.47 16.34
CA ILE C 33 -12.80 9.37 16.20
C ILE C 33 -11.56 9.98 15.52
N PRO C 34 -10.43 10.09 16.24
CA PRO C 34 -9.19 10.66 15.67
C PRO C 34 -8.81 9.90 14.41
N THR C 35 -8.30 10.60 13.41
CA THR C 35 -7.92 9.90 12.19
C THR C 35 -6.41 9.89 12.00
N VAL C 36 -5.86 8.69 11.80
CA VAL C 36 -4.45 8.52 11.46
C VAL C 36 -4.52 8.05 10.00
N PHE C 37 -5.42 7.12 9.74
CA PHE C 37 -5.63 6.58 8.40
C PHE C 37 -6.92 5.76 8.39
N ASP C 38 -7.73 5.93 7.35
CA ASP C 38 -8.96 5.14 7.26
C ASP C 38 -9.52 5.28 5.86
N ASN C 39 -10.49 4.43 5.53
CA ASN C 39 -11.12 4.53 4.23
C ASN C 39 -12.51 3.95 4.31
N TYR C 40 -13.39 4.57 3.55
CA TYR C 40 -14.80 4.18 3.50
C TYR C 40 -15.19 4.01 2.05
N SER C 41 -16.41 3.58 1.81
CA SER C 41 -16.86 3.39 0.44
C SER C 41 -18.34 3.67 0.37
N ALA C 42 -18.83 3.90 -0.85
CA ALA C 42 -20.23 4.18 -1.08
C ALA C 42 -20.57 3.83 -2.52
N ASN C 43 -21.74 3.24 -2.73
CA ASN C 43 -22.20 2.91 -4.07
C ASN C 43 -23.20 4.01 -4.38
N VAL C 44 -22.86 4.87 -5.32
CA VAL C 44 -23.72 5.99 -5.68
C VAL C 44 -24.05 6.06 -7.17
N MET C 45 -25.16 6.73 -7.47
CA MET C 45 -25.60 6.91 -8.85
C MET C 45 -25.42 8.38 -9.23
N VAL C 46 -24.58 8.63 -10.23
CA VAL C 46 -24.34 10.00 -10.69
C VAL C 46 -24.65 10.08 -12.19
N ASP C 47 -25.56 10.97 -12.55
CA ASP C 47 -25.96 11.13 -13.94
C ASP C 47 -26.38 9.77 -14.50
N GLY C 48 -27.15 9.04 -13.69
CA GLY C 48 -27.65 7.73 -14.09
C GLY C 48 -26.61 6.63 -14.18
N LYS C 49 -25.41 6.89 -13.68
CA LYS C 49 -24.34 5.90 -13.75
C LYS C 49 -23.91 5.39 -12.37
N PRO C 50 -23.90 4.07 -12.18
CA PRO C 50 -23.50 3.47 -10.91
C PRO C 50 -22.00 3.67 -10.69
N VAL C 51 -21.64 4.03 -9.46
CA VAL C 51 -20.24 4.28 -9.14
C VAL C 51 -19.86 3.69 -7.78
N ASN C 52 -18.71 3.01 -7.73
CA ASN C 52 -18.18 2.46 -6.50
C ASN C 52 -17.13 3.48 -6.08
N LEU C 53 -17.50 4.35 -5.14
CA LEU C 53 -16.61 5.41 -4.67
C LEU C 53 -15.78 5.00 -3.46
N GLY C 54 -14.47 5.01 -3.62
CA GLY C 54 -13.56 4.67 -2.53
C GLY C 54 -13.07 5.97 -1.92
N LEU C 55 -13.32 6.15 -0.63
CA LEU C 55 -12.95 7.37 0.08
C LEU C 55 -11.80 7.16 1.06
N TRP C 56 -10.79 8.01 0.96
CA TRP C 56 -9.61 7.91 1.81
C TRP C 56 -9.51 9.08 2.76
N ASP C 57 -9.56 8.75 4.05
CA ASP C 57 -9.53 9.73 5.15
C ASP C 57 -8.09 9.81 5.68
N THR C 58 -7.57 11.03 5.81
CA THR C 58 -6.18 11.21 6.26
C THR C 58 -6.01 12.04 7.52
N ALA C 59 -4.79 12.05 8.04
CA ALA C 59 -4.47 12.82 9.23
C ALA C 59 -3.90 14.16 8.77
N GLY C 60 -4.49 15.27 9.22
CA GLY C 60 -4.00 16.56 8.82
C GLY C 60 -2.77 17.08 9.56
N GLN C 61 -2.44 16.48 10.71
CA GLN C 61 -1.28 16.93 11.49
C GLN C 61 0.06 16.68 10.77
N GLU C 62 0.98 17.65 10.87
CA GLU C 62 2.28 17.52 10.21
C GLU C 62 3.08 16.30 10.68
N ASP C 63 2.79 15.82 11.90
CA ASP C 63 3.50 14.66 12.42
C ASP C 63 3.28 13.42 11.56
N TYR C 64 2.23 13.43 10.75
CA TYR C 64 1.92 12.30 9.88
C TYR C 64 2.15 12.64 8.41
N ASP C 65 2.98 13.66 8.17
CA ASP C 65 3.30 14.05 6.80
C ASP C 65 3.88 12.90 5.99
N ARG C 66 4.74 12.10 6.62
CA ARG C 66 5.36 10.96 5.92
C ARG C 66 4.37 9.84 5.63
N LEU C 67 3.25 9.83 6.32
CA LEU C 67 2.23 8.79 6.13
C LEU C 67 1.18 9.12 5.05
N ARG C 68 0.80 10.38 4.96
CA ARG C 68 -0.22 10.79 4.01
C ARG C 68 -0.02 10.32 2.56
N PRO C 69 1.20 10.46 2.02
CA PRO C 69 1.41 10.03 0.62
C PRO C 69 1.13 8.56 0.32
N LEU C 70 1.01 7.73 1.35
CA LEU C 70 0.71 6.33 1.14
C LEU C 70 -0.73 6.16 0.65
N SER C 71 -1.57 7.17 0.84
CA SER C 71 -2.95 7.11 0.39
C SER C 71 -3.10 7.62 -1.06
N TYR C 72 -2.05 8.24 -1.61
CA TYR C 72 -2.15 8.86 -2.94
C TYR C 72 -2.09 8.07 -4.25
N PRO C 73 -1.40 6.91 -4.29
CA PRO C 73 -1.33 6.16 -5.55
C PRO C 73 -2.65 5.87 -6.25
N GLN C 74 -2.69 6.16 -7.55
CA GLN C 74 -3.88 5.95 -8.38
C GLN C 74 -5.11 6.76 -7.97
N THR C 75 -4.90 7.89 -7.31
CA THR C 75 -6.04 8.70 -6.90
C THR C 75 -6.70 9.32 -8.12
N ASP C 76 -8.03 9.30 -8.15
CA ASP C 76 -8.79 9.87 -9.26
C ASP C 76 -9.15 11.34 -9.09
N VAL C 77 -9.45 11.73 -7.85
CA VAL C 77 -9.83 13.11 -7.55
C VAL C 77 -9.50 13.42 -6.10
N PHE C 78 -9.03 14.65 -5.84
CA PHE C 78 -8.70 15.09 -4.49
C PHE C 78 -9.67 16.14 -3.97
N LEU C 79 -9.99 16.04 -2.68
CA LEU C 79 -10.82 17.04 -2.04
C LEU C 79 -9.86 17.72 -1.07
N ILE C 80 -9.57 19.00 -1.30
CA ILE C 80 -8.75 19.74 -0.36
C ILE C 80 -9.76 20.53 0.46
N CYS C 81 -9.77 20.30 1.77
CA CYS C 81 -10.71 20.94 2.67
C CYS C 81 -10.12 21.94 3.67
N PHE C 82 -10.92 22.96 3.99
CA PHE C 82 -10.56 23.95 4.98
C PHE C 82 -11.87 24.35 5.64
N SER C 83 -11.82 24.72 6.92
CA SER C 83 -13.01 25.13 7.63
C SER C 83 -13.32 26.59 7.31
N LEU C 84 -14.56 26.88 6.90
CA LEU C 84 -14.95 28.25 6.60
C LEU C 84 -14.86 29.14 7.85
N VAL C 85 -14.78 28.55 9.05
CA VAL C 85 -14.64 29.37 10.25
C VAL C 85 -13.25 29.29 10.86
N SER C 86 -12.27 28.91 10.03
CA SER C 86 -10.87 28.88 10.46
C SER C 86 -9.99 29.48 9.37
N PRO C 87 -9.76 30.80 9.45
CA PRO C 87 -8.92 31.43 8.43
C PRO C 87 -7.55 30.76 8.30
N ALA C 88 -7.00 30.26 9.41
CA ALA C 88 -5.69 29.61 9.36
C ALA C 88 -5.72 28.35 8.50
N SER C 89 -6.80 27.58 8.57
CA SER C 89 -6.88 26.35 7.77
C SER C 89 -7.01 26.71 6.28
N PHE C 90 -7.59 27.88 6.01
CA PHE C 90 -7.78 28.35 4.63
C PHE C 90 -6.43 28.74 4.05
N GLU C 91 -5.63 29.45 4.82
CA GLU C 91 -4.31 29.86 4.35
C GLU C 91 -3.47 28.62 4.04
N ASN C 92 -3.66 27.54 4.80
CA ASN C 92 -2.87 26.33 4.57
C ASN C 92 -3.20 25.62 3.25
N VAL C 93 -4.34 25.94 2.66
CA VAL C 93 -4.66 25.36 1.37
C VAL C 93 -3.54 25.79 0.40
N ARG C 94 -3.17 27.06 0.46
CA ARG C 94 -2.13 27.63 -0.40
C ARG C 94 -0.71 27.25 0.03
N ALA C 95 -0.44 27.38 1.33
CA ALA C 95 0.88 27.11 1.87
C ALA C 95 1.26 25.65 1.93
N LYS C 96 0.28 24.77 2.11
CA LYS C 96 0.61 23.36 2.25
C LYS C 96 -0.10 22.32 1.39
N TRP C 97 -1.43 22.29 1.45
CA TRP C 97 -2.18 21.28 0.73
C TRP C 97 -2.06 21.26 -0.79
N TYR C 98 -2.27 22.41 -1.42
CA TYR C 98 -2.16 22.47 -2.87
C TYR C 98 -0.75 22.01 -3.28
N PRO C 99 0.30 22.54 -2.65
CA PRO C 99 1.65 22.11 -3.01
C PRO C 99 1.86 20.60 -2.82
N GLU C 100 1.44 20.06 -1.67
CA GLU C 100 1.62 18.63 -1.43
C GLU C 100 0.93 17.76 -2.47
N VAL C 101 -0.34 18.04 -2.74
CA VAL C 101 -1.10 17.26 -3.72
C VAL C 101 -0.44 17.31 -5.10
N ARG C 102 -0.09 18.51 -5.55
CA ARG C 102 0.52 18.68 -6.87
C ARG C 102 1.90 18.05 -6.98
N HIS C 103 2.65 18.09 -5.89
CA HIS C 103 3.98 17.52 -5.87
C HIS C 103 3.92 16.00 -6.09
N HIS C 104 2.87 15.36 -5.59
CA HIS C 104 2.69 13.92 -5.73
C HIS C 104 1.84 13.52 -6.93
N CYS C 105 0.83 14.32 -7.23
CA CYS C 105 -0.08 14.04 -8.32
C CYS C 105 -0.32 15.31 -9.12
N PRO C 106 0.61 15.64 -10.03
CA PRO C 106 0.52 16.84 -10.86
C PRO C 106 -0.67 16.96 -11.82
N ASN C 107 -1.27 15.83 -12.18
CA ASN C 107 -2.38 15.85 -13.13
C ASN C 107 -3.76 15.50 -12.57
N THR C 108 -3.85 15.26 -11.26
CA THR C 108 -5.14 14.89 -10.68
C THR C 108 -6.03 16.08 -10.34
N PRO C 109 -7.31 16.02 -10.75
CA PRO C 109 -8.24 17.12 -10.47
C PRO C 109 -8.46 17.35 -8.97
N ILE C 110 -8.61 18.61 -8.60
CA ILE C 110 -8.82 19.01 -7.22
C ILE C 110 -10.12 19.78 -7.05
N ILE C 111 -10.88 19.42 -6.01
CA ILE C 111 -12.11 20.12 -5.66
C ILE C 111 -11.77 20.81 -4.33
N LEU C 112 -11.93 22.14 -4.28
CA LEU C 112 -11.66 22.89 -3.05
C LEU C 112 -12.99 22.92 -2.30
N VAL C 113 -12.98 22.39 -1.07
CA VAL C 113 -14.18 22.33 -0.24
C VAL C 113 -14.10 23.14 1.05
N GLY C 114 -15.06 24.05 1.22
CA GLY C 114 -15.15 24.83 2.45
C GLY C 114 -16.12 24.08 3.36
N THR C 115 -15.68 23.70 4.55
CA THR C 115 -16.49 22.92 5.49
C THR C 115 -17.11 23.72 6.65
N LYS C 116 -18.02 23.07 7.38
CA LYS C 116 -18.71 23.70 8.51
C LYS C 116 -19.50 24.94 8.06
N LEU C 117 -20.12 24.86 6.89
CA LEU C 117 -20.88 25.98 6.34
C LEU C 117 -21.91 26.56 7.32
N ASP C 118 -22.54 25.69 8.11
CA ASP C 118 -23.53 26.13 9.08
C ASP C 118 -22.98 27.12 10.10
N LEU C 119 -21.69 27.00 10.42
CA LEU C 119 -21.11 27.88 11.41
C LEU C 119 -20.87 29.32 10.95
N ARG C 120 -20.85 29.56 9.64
CA ARG C 120 -20.63 30.91 9.13
C ARG C 120 -21.78 31.83 9.54
N ASP C 121 -22.95 31.24 9.79
CA ASP C 121 -24.11 32.03 10.22
C ASP C 121 -24.36 31.84 11.72
N ASP C 122 -23.44 31.17 12.41
CA ASP C 122 -23.60 30.91 13.84
C ASP C 122 -23.11 32.05 14.72
N LYS C 123 -24.05 32.67 15.43
CA LYS C 123 -23.78 33.80 16.32
C LYS C 123 -22.58 33.61 17.26
N ASP C 124 -22.62 32.55 18.06
CA ASP C 124 -21.52 32.31 18.99
C ASP C 124 -20.18 32.15 18.30
N THR C 125 -20.15 31.42 17.20
CA THR C 125 -18.91 31.21 16.45
C THR C 125 -18.39 32.57 15.92
N ILE C 126 -19.29 33.37 15.37
CA ILE C 126 -18.93 34.68 14.85
C ILE C 126 -18.33 35.52 15.97
N GLU C 127 -19.01 35.51 17.12
CA GLU C 127 -18.57 36.25 18.30
C GLU C 127 -17.18 35.82 18.77
N LYS C 128 -16.96 34.51 18.91
CA LYS C 128 -15.66 34.02 19.37
C LYS C 128 -14.53 34.38 18.41
N LEU C 129 -14.80 34.36 17.11
CA LEU C 129 -13.79 34.71 16.14
C LEU C 129 -13.44 36.20 16.26
N LYS C 130 -14.46 37.04 16.52
CA LYS C 130 -14.22 38.48 16.66
C LYS C 130 -13.29 38.79 17.82
N GLU C 131 -13.40 38.05 18.90
CA GLU C 131 -12.54 38.29 20.06
C GLU C 131 -11.09 38.09 19.65
N LYS C 132 -10.87 37.26 18.63
CA LYS C 132 -9.52 36.99 18.15
C LYS C 132 -9.20 37.83 16.92
N LYS C 133 -10.06 38.80 16.63
CA LYS C 133 -9.87 39.67 15.47
C LYS C 133 -9.90 38.89 14.16
N LEU C 134 -10.80 37.92 14.07
CA LEU C 134 -10.95 37.11 12.87
C LEU C 134 -12.40 37.14 12.39
N THR C 135 -12.62 36.69 11.16
CA THR C 135 -13.96 36.63 10.57
C THR C 135 -14.01 35.40 9.65
N PRO C 136 -15.20 34.79 9.48
CA PRO C 136 -15.27 33.61 8.60
C PRO C 136 -14.86 33.91 7.16
N ILE C 137 -14.44 32.85 6.44
CA ILE C 137 -14.04 32.99 5.04
C ILE C 137 -15.32 33.12 4.20
N THR C 138 -15.34 34.09 3.30
CA THR C 138 -16.52 34.33 2.46
C THR C 138 -16.48 33.49 1.19
N TYR C 139 -17.64 33.27 0.59
CA TYR C 139 -17.74 32.51 -0.64
C TYR C 139 -16.75 33.04 -1.69
N PRO C 140 -16.72 34.37 -1.90
CA PRO C 140 -15.79 34.93 -2.89
C PRO C 140 -14.32 34.60 -2.62
N GLN C 141 -13.92 34.62 -1.35
CA GLN C 141 -12.53 34.29 -1.01
C GLN C 141 -12.23 32.86 -1.43
N GLY C 142 -13.15 31.96 -1.10
CA GLY C 142 -12.95 30.55 -1.45
C GLY C 142 -12.91 30.34 -2.96
N LEU C 143 -13.81 31.02 -3.67
CA LEU C 143 -13.85 30.90 -5.12
C LEU C 143 -12.53 31.38 -5.73
N ALA C 144 -12.01 32.49 -5.21
CA ALA C 144 -10.76 33.03 -5.70
C ALA C 144 -9.61 32.05 -5.44
N MET C 145 -9.62 31.43 -4.27
CA MET C 145 -8.57 30.46 -3.93
C MET C 145 -8.64 29.28 -4.89
N ALA C 146 -9.85 28.80 -5.17
CA ALA C 146 -10.04 27.68 -6.07
C ALA C 146 -9.40 28.00 -7.43
N LYS C 147 -9.63 29.21 -7.92
CA LYS C 147 -9.08 29.60 -9.21
C LYS C 147 -7.56 29.69 -9.11
N GLU C 148 -7.08 30.21 -7.99
CA GLU C 148 -5.65 30.35 -7.77
C GLU C 148 -4.90 29.01 -7.82
N ILE C 149 -5.50 27.96 -7.27
CA ILE C 149 -4.84 26.66 -7.24
C ILE C 149 -5.27 25.74 -8.38
N GLY C 150 -6.09 26.26 -9.29
CA GLY C 150 -6.54 25.46 -10.42
C GLY C 150 -7.57 24.40 -10.11
N ALA C 151 -8.34 24.58 -9.03
CA ALA C 151 -9.35 23.60 -8.66
C ALA C 151 -10.46 23.59 -9.73
N VAL C 152 -11.00 22.41 -10.02
CA VAL C 152 -12.05 22.33 -11.02
C VAL C 152 -13.37 22.88 -10.50
N LYS C 153 -13.51 22.91 -9.17
CA LYS C 153 -14.73 23.42 -8.56
C LYS C 153 -14.47 23.90 -7.13
N TYR C 154 -15.27 24.87 -6.69
CA TYR C 154 -15.21 25.36 -5.33
C TYR C 154 -16.60 25.07 -4.78
N LEU C 155 -16.66 24.29 -3.70
CA LEU C 155 -17.94 23.94 -3.12
C LEU C 155 -17.92 24.11 -1.60
N GLU C 156 -19.05 24.51 -1.03
CA GLU C 156 -19.16 24.68 0.41
C GLU C 156 -20.18 23.68 0.93
N CYS C 157 -19.96 23.18 2.14
CA CYS C 157 -20.92 22.22 2.68
C CYS C 157 -20.91 22.17 4.19
N SER C 158 -21.95 21.55 4.74
CA SER C 158 -22.07 21.37 6.18
C SER C 158 -22.32 19.88 6.37
N ALA C 159 -21.46 19.21 7.11
CA ALA C 159 -21.65 17.79 7.36
C ALA C 159 -22.82 17.67 8.34
N LEU C 160 -22.97 18.67 9.20
CA LEU C 160 -24.02 18.65 10.21
C LEU C 160 -25.43 18.72 9.63
N THR C 161 -25.71 19.73 8.82
CA THR C 161 -27.05 19.88 8.25
C THR C 161 -27.15 19.15 6.91
N GLN C 162 -25.99 18.79 6.36
CA GLN C 162 -25.86 18.11 5.08
C GLN C 162 -26.10 19.03 3.86
N ARG C 163 -26.23 20.33 4.12
CA ARG C 163 -26.44 21.25 3.00
C ARG C 163 -25.19 21.29 2.13
N GLY C 164 -25.39 21.07 0.84
CA GLY C 164 -24.28 21.07 -0.11
C GLY C 164 -23.41 19.82 -0.06
N LEU C 165 -23.70 18.90 0.86
CA LEU C 165 -22.88 17.70 0.99
C LEU C 165 -22.94 16.77 -0.22
N LYS C 166 -24.15 16.38 -0.63
CA LYS C 166 -24.28 15.49 -1.79
C LYS C 166 -23.60 16.05 -3.03
N THR C 167 -23.73 17.35 -3.24
CA THR C 167 -23.12 18.00 -4.42
C THR C 167 -21.59 17.84 -4.46
N VAL C 168 -20.95 17.91 -3.30
CA VAL C 168 -19.49 17.77 -3.25
C VAL C 168 -19.01 16.51 -3.97
N PHE C 169 -19.63 15.38 -3.64
CA PHE C 169 -19.25 14.11 -4.23
C PHE C 169 -19.79 13.88 -5.65
N ASP C 170 -20.93 14.49 -5.97
CA ASP C 170 -21.44 14.36 -7.34
C ASP C 170 -20.40 15.03 -8.24
N GLU C 171 -19.96 16.21 -7.82
CA GLU C 171 -18.97 16.95 -8.60
C GLU C 171 -17.61 16.27 -8.62
N ALA C 172 -17.22 15.68 -7.49
CA ALA C 172 -15.93 14.98 -7.45
C ALA C 172 -16.00 13.86 -8.49
N ILE C 173 -17.11 13.13 -8.50
CA ILE C 173 -17.30 12.04 -9.45
C ILE C 173 -17.34 12.58 -10.89
N ARG C 174 -18.09 13.66 -11.11
CA ARG C 174 -18.19 14.26 -12.44
C ARG C 174 -16.86 14.80 -12.93
N ALA C 175 -15.92 15.03 -12.02
CA ALA C 175 -14.61 15.56 -12.40
C ALA C 175 -13.70 14.48 -13.00
N VAL C 176 -14.07 13.22 -12.79
CA VAL C 176 -13.26 12.12 -13.29
C VAL C 176 -13.77 11.64 -14.65
N PRO D 1 -1.81 12.92 -20.27
CA PRO D 1 -1.13 11.61 -20.20
C PRO D 1 -1.79 10.74 -19.13
N GLN D 2 -2.53 9.73 -19.59
CA GLN D 2 -3.23 8.82 -18.70
C GLN D 2 -2.26 7.89 -17.99
N ALA D 3 -2.62 7.50 -16.77
CA ALA D 3 -1.80 6.59 -15.99
C ALA D 3 -2.51 5.25 -16.00
N ILE D 4 -1.82 4.21 -16.46
CA ILE D 4 -2.41 2.89 -16.52
C ILE D 4 -1.63 1.93 -15.63
N LYS D 5 -2.33 1.29 -14.70
CA LYS D 5 -1.73 0.34 -13.77
C LYS D 5 -1.95 -1.08 -14.30
N CYS D 6 -0.84 -1.76 -14.57
CA CYS D 6 -0.88 -3.13 -15.09
C CYS D 6 -0.16 -4.06 -14.13
N VAL D 7 -0.85 -5.10 -13.66
CA VAL D 7 -0.23 -6.06 -12.76
C VAL D 7 -0.02 -7.37 -13.50
N VAL D 8 1.15 -7.97 -13.32
CA VAL D 8 1.50 -9.22 -13.99
C VAL D 8 1.59 -10.39 -13.00
N VAL D 9 0.82 -11.46 -13.25
CA VAL D 9 0.83 -12.64 -12.39
C VAL D 9 1.05 -13.94 -13.19
N GLY D 10 1.40 -15.01 -12.48
CA GLY D 10 1.66 -16.29 -13.14
C GLY D 10 2.69 -17.07 -12.35
N ASP D 11 2.82 -18.37 -12.63
CA ASP D 11 3.74 -19.23 -11.90
C ASP D 11 5.18 -18.73 -11.89
N GLY D 12 5.94 -19.15 -10.90
CA GLY D 12 7.34 -18.77 -10.83
C GLY D 12 8.07 -19.31 -12.05
N ALA D 13 8.94 -18.47 -12.60
CA ALA D 13 9.77 -18.81 -13.77
C ALA D 13 9.09 -18.84 -15.14
N VAL D 14 7.84 -18.38 -15.26
CA VAL D 14 7.24 -18.36 -16.60
C VAL D 14 7.82 -17.23 -17.42
N GLY D 15 8.50 -16.29 -16.75
CA GLY D 15 9.10 -15.17 -17.47
C GLY D 15 8.52 -13.78 -17.32
N LYS D 16 7.81 -13.54 -16.21
CA LYS D 16 7.19 -12.24 -15.98
C LYS D 16 8.22 -11.12 -15.90
N THR D 17 9.28 -11.34 -15.13
CA THR D 17 10.32 -10.32 -14.99
C THR D 17 11.07 -10.08 -16.30
N CYS D 18 11.47 -11.15 -16.98
CA CYS D 18 12.18 -10.97 -18.25
C CYS D 18 11.33 -10.17 -19.24
N LEU D 19 10.06 -10.51 -19.30
CA LEU D 19 9.09 -9.87 -20.17
C LEU D 19 8.98 -8.36 -19.86
N LEU D 20 8.84 -8.04 -18.58
CA LEU D 20 8.73 -6.65 -18.16
C LEU D 20 10.03 -5.86 -18.35
N ILE D 21 11.17 -6.51 -18.09
CA ILE D 21 12.46 -5.84 -18.25
C ILE D 21 12.80 -5.68 -19.73
N SER D 22 12.51 -6.69 -20.54
CA SER D 22 12.80 -6.59 -21.97
C SER D 22 11.95 -5.47 -22.57
N TYR D 23 10.72 -5.34 -22.11
CA TYR D 23 9.83 -4.30 -22.62
C TYR D 23 10.21 -2.90 -22.17
N THR D 24 10.46 -2.74 -20.88
CA THR D 24 10.78 -1.42 -20.36
C THR D 24 12.20 -0.91 -20.61
N THR D 25 13.15 -1.80 -20.77
CA THR D 25 14.53 -1.36 -20.98
C THR D 25 15.08 -1.75 -22.34
N ASN D 26 14.33 -2.54 -23.09
CA ASN D 26 14.77 -3.02 -24.39
C ASN D 26 16.02 -3.88 -24.35
N ALA D 27 16.18 -4.61 -23.25
CA ALA D 27 17.30 -5.53 -23.10
C ALA D 27 16.82 -6.64 -22.20
N PHE D 28 17.25 -7.85 -22.52
CA PHE D 28 16.89 -9.05 -21.76
C PHE D 28 17.79 -9.01 -20.53
N PRO D 29 17.24 -9.28 -19.32
CA PRO D 29 18.07 -9.25 -18.11
C PRO D 29 19.37 -10.02 -18.27
N GLY D 30 20.47 -9.40 -17.86
CA GLY D 30 21.76 -10.05 -17.96
C GLY D 30 21.88 -11.12 -16.89
N GLU D 31 21.05 -11.02 -15.86
CA GLU D 31 21.06 -11.99 -14.77
C GLU D 31 19.67 -12.12 -14.13
N TYR D 32 19.43 -13.25 -13.49
CA TYR D 32 18.16 -13.50 -12.83
C TYR D 32 18.10 -12.85 -11.44
N ILE D 33 17.05 -12.07 -11.23
CA ILE D 33 16.79 -11.41 -9.96
C ILE D 33 15.46 -11.98 -9.47
N PRO D 34 15.47 -12.71 -8.34
CA PRO D 34 14.23 -13.31 -7.80
C PRO D 34 13.24 -12.19 -7.50
N THR D 35 11.97 -12.42 -7.83
CA THR D 35 10.99 -11.39 -7.54
C THR D 35 10.11 -11.72 -6.35
N VAL D 36 10.11 -10.83 -5.36
CA VAL D 36 9.23 -10.95 -4.21
C VAL D 36 8.19 -9.86 -4.49
N PHE D 37 8.67 -8.68 -4.89
CA PHE D 37 7.81 -7.56 -5.24
C PHE D 37 8.59 -6.49 -5.98
N ASP D 38 8.05 -6.01 -7.10
CA ASP D 38 8.75 -4.94 -7.80
C ASP D 38 7.81 -4.11 -8.64
N ASN D 39 8.30 -2.98 -9.10
CA ASN D 39 7.48 -2.04 -9.85
C ASN D 39 8.36 -1.35 -10.89
N TYR D 40 7.88 -1.28 -12.12
CA TYR D 40 8.64 -0.63 -13.19
C TYR D 40 7.67 0.32 -13.88
N SER D 41 8.18 1.14 -14.79
CA SER D 41 7.32 2.06 -15.50
C SER D 41 7.86 2.34 -16.89
N ALA D 42 6.98 2.75 -17.78
CA ALA D 42 7.36 3.10 -19.13
C ALA D 42 6.41 4.16 -19.63
N ASN D 43 6.92 5.06 -20.47
CA ASN D 43 6.07 6.08 -21.07
C ASN D 43 5.92 5.63 -22.51
N VAL D 44 4.69 5.42 -22.93
CA VAL D 44 4.45 4.95 -24.29
C VAL D 44 3.31 5.69 -25.00
N MET D 45 3.33 5.63 -26.32
CA MET D 45 2.32 6.25 -27.16
C MET D 45 1.54 5.11 -27.80
N VAL D 46 0.23 5.11 -27.64
CA VAL D 46 -0.62 4.08 -28.23
C VAL D 46 -1.76 4.80 -28.90
N ASP D 47 -1.98 4.51 -30.17
CA ASP D 47 -3.05 5.15 -30.93
C ASP D 47 -3.04 6.66 -30.77
N GLY D 48 -1.83 7.24 -30.84
CA GLY D 48 -1.68 8.68 -30.72
C GLY D 48 -1.97 9.27 -29.36
N LYS D 49 -1.85 8.47 -28.30
CA LYS D 49 -2.12 8.95 -26.95
C LYS D 49 -0.98 8.57 -25.98
N PRO D 50 -0.45 9.57 -25.24
CA PRO D 50 0.64 9.32 -24.29
C PRO D 50 0.14 8.64 -23.01
N VAL D 51 0.81 7.57 -22.64
CA VAL D 51 0.43 6.81 -21.45
C VAL D 51 1.61 6.60 -20.52
N ASN D 52 1.37 6.77 -19.22
CA ASN D 52 2.37 6.53 -18.19
C ASN D 52 1.98 5.17 -17.65
N LEU D 53 2.67 4.14 -18.13
CA LEU D 53 2.35 2.78 -17.73
C LEU D 53 3.12 2.31 -16.50
N GLY D 54 2.36 1.99 -15.44
CA GLY D 54 2.96 1.50 -14.20
C GLY D 54 2.83 -0.02 -14.21
N LEU D 55 3.95 -0.72 -14.06
CA LEU D 55 3.97 -2.18 -14.12
C LEU D 55 4.36 -2.80 -12.79
N TRP D 56 3.55 -3.76 -12.35
CA TRP D 56 3.74 -4.42 -11.09
C TRP D 56 4.16 -5.87 -11.29
N ASP D 57 5.35 -6.20 -10.79
CA ASP D 57 5.94 -7.52 -10.90
C ASP D 57 5.64 -8.26 -9.59
N THR D 58 5.22 -9.51 -9.67
CA THR D 58 4.86 -10.27 -8.48
C THR D 58 5.58 -11.60 -8.35
N ALA D 59 5.46 -12.21 -7.16
CA ALA D 59 6.07 -13.51 -6.89
C ALA D 59 5.02 -14.59 -7.22
N GLY D 60 5.38 -15.54 -8.09
CA GLY D 60 4.46 -16.60 -8.46
C GLY D 60 4.34 -17.78 -7.50
N GLN D 61 5.27 -17.90 -6.55
CA GLN D 61 5.22 -19.01 -5.59
C GLN D 61 4.05 -18.84 -4.62
N GLU D 62 3.38 -19.95 -4.30
CA GLU D 62 2.23 -19.93 -3.40
C GLU D 62 2.61 -19.42 -2.02
N ASP D 63 3.89 -19.55 -1.67
CA ASP D 63 4.32 -19.09 -0.35
C ASP D 63 4.09 -17.60 -0.17
N TYR D 64 4.00 -16.86 -1.28
CA TYR D 64 3.78 -15.42 -1.20
C TYR D 64 2.34 -15.04 -1.57
N ASP D 65 1.42 -16.00 -1.47
CA ASP D 65 0.01 -15.73 -1.79
C ASP D 65 -0.55 -14.58 -0.95
N ARG D 66 -0.19 -14.52 0.33
CA ARG D 66 -0.70 -13.47 1.21
C ARG D 66 -0.15 -12.09 0.84
N LEU D 67 0.98 -12.07 0.14
CA LEU D 67 1.58 -10.80 -0.25
C LEU D 67 1.07 -10.26 -1.59
N ARG D 68 0.78 -11.15 -2.52
CA ARG D 68 0.38 -10.73 -3.85
C ARG D 68 -0.75 -9.71 -3.95
N PRO D 69 -1.85 -9.88 -3.18
CA PRO D 69 -2.97 -8.95 -3.22
C PRO D 69 -2.64 -7.50 -2.89
N LEU D 70 -1.48 -7.27 -2.28
CA LEU D 70 -1.07 -5.91 -1.94
C LEU D 70 -0.75 -5.12 -3.21
N SER D 71 -0.59 -5.83 -4.33
CA SER D 71 -0.32 -5.16 -5.59
C SER D 71 -1.60 -4.84 -6.35
N TYR D 72 -2.73 -5.41 -5.93
CA TYR D 72 -3.98 -5.25 -6.67
C TYR D 72 -4.86 -4.00 -6.64
N PRO D 73 -4.82 -3.20 -5.57
CA PRO D 73 -5.68 -2.00 -5.54
C PRO D 73 -5.56 -1.08 -6.76
N GLN D 74 -6.71 -0.68 -7.30
CA GLN D 74 -6.79 0.22 -8.45
C GLN D 74 -6.12 -0.29 -9.72
N THR D 75 -6.03 -1.62 -9.89
CA THR D 75 -5.42 -2.14 -11.11
C THR D 75 -6.33 -1.88 -12.31
N ASP D 76 -5.75 -1.45 -13.43
CA ASP D 76 -6.55 -1.20 -14.63
C ASP D 76 -6.66 -2.41 -15.55
N VAL D 77 -5.60 -3.23 -15.57
CA VAL D 77 -5.58 -4.42 -16.41
C VAL D 77 -4.56 -5.41 -15.88
N PHE D 78 -4.88 -6.69 -15.99
CA PHE D 78 -3.98 -7.75 -15.54
C PHE D 78 -3.41 -8.53 -16.70
N LEU D 79 -2.15 -8.96 -16.56
CA LEU D 79 -1.58 -9.85 -17.56
C LEU D 79 -1.46 -11.18 -16.80
N ILE D 80 -2.16 -12.22 -17.25
CA ILE D 80 -1.99 -13.53 -16.59
C ILE D 80 -1.05 -14.28 -17.54
N CYS D 81 0.11 -14.67 -17.03
CA CYS D 81 1.13 -15.36 -17.84
C CYS D 81 1.37 -16.82 -17.53
N PHE D 82 1.71 -17.59 -18.58
CA PHE D 82 2.10 -18.99 -18.44
C PHE D 82 3.13 -19.20 -19.55
N SER D 83 4.05 -20.14 -19.36
CA SER D 83 5.09 -20.45 -20.35
C SER D 83 4.55 -21.44 -21.37
N LEU D 84 4.70 -21.11 -22.65
CA LEU D 84 4.23 -21.99 -23.72
C LEU D 84 4.92 -23.35 -23.67
N VAL D 85 6.05 -23.44 -22.96
CA VAL D 85 6.72 -24.74 -22.86
C VAL D 85 6.61 -25.35 -21.46
N SER D 86 5.58 -24.93 -20.71
CA SER D 86 5.32 -25.51 -19.40
C SER D 86 3.83 -25.79 -19.23
N PRO D 87 3.39 -26.99 -19.60
CA PRO D 87 1.98 -27.35 -19.48
C PRO D 87 1.44 -27.15 -18.06
N ALA D 88 2.29 -27.38 -17.07
CA ALA D 88 1.89 -27.19 -15.67
C ALA D 88 1.54 -25.73 -15.39
N SER D 89 2.32 -24.78 -15.92
CA SER D 89 2.02 -23.37 -15.66
C SER D 89 0.74 -22.95 -16.37
N PHE D 90 0.44 -23.60 -17.49
CA PHE D 90 -0.78 -23.33 -18.26
C PHE D 90 -1.99 -23.80 -17.46
N GLU D 91 -1.95 -25.02 -16.95
CA GLU D 91 -3.06 -25.53 -16.14
C GLU D 91 -3.32 -24.61 -14.93
N ASN D 92 -2.25 -24.04 -14.38
CA ASN D 92 -2.42 -23.16 -13.23
C ASN D 92 -3.16 -21.86 -13.54
N VAL D 93 -3.27 -21.55 -14.83
CA VAL D 93 -4.03 -20.36 -15.23
C VAL D 93 -5.48 -20.57 -14.76
N ARG D 94 -6.05 -21.74 -15.08
CA ARG D 94 -7.43 -21.98 -14.67
C ARG D 94 -7.56 -22.39 -13.20
N ALA D 95 -6.60 -23.13 -12.69
CA ALA D 95 -6.68 -23.59 -11.31
C ALA D 95 -6.37 -22.52 -10.27
N LYS D 96 -5.47 -21.58 -10.60
CA LYS D 96 -5.08 -20.58 -9.63
C LYS D 96 -5.19 -19.10 -9.98
N TRP D 97 -4.50 -18.68 -11.02
CA TRP D 97 -4.46 -17.27 -11.41
C TRP D 97 -5.78 -16.63 -11.77
N TYR D 98 -6.56 -17.28 -12.62
CA TYR D 98 -7.85 -16.72 -13.00
C TYR D 98 -8.74 -16.62 -11.75
N PRO D 99 -8.85 -17.70 -10.96
CA PRO D 99 -9.69 -17.61 -9.76
C PRO D 99 -9.24 -16.51 -8.79
N GLU D 100 -7.93 -16.37 -8.61
CA GLU D 100 -7.41 -15.34 -7.69
C GLU D 100 -7.65 -13.92 -8.18
N VAL D 101 -7.37 -13.68 -9.45
CA VAL D 101 -7.57 -12.35 -10.03
C VAL D 101 -9.05 -11.96 -9.94
N ARG D 102 -9.93 -12.89 -10.31
CA ARG D 102 -11.36 -12.60 -10.27
C ARG D 102 -11.90 -12.39 -8.87
N HIS D 103 -11.37 -13.13 -7.92
CA HIS D 103 -11.81 -12.99 -6.55
C HIS D 103 -11.54 -11.57 -6.04
N HIS D 104 -10.38 -11.02 -6.39
CA HIS D 104 -10.03 -9.69 -5.92
C HIS D 104 -10.53 -8.55 -6.81
N CYS D 105 -10.57 -8.80 -8.11
CA CYS D 105 -10.97 -7.78 -9.07
C CYS D 105 -11.93 -8.36 -10.11
N PRO D 106 -13.21 -8.49 -9.75
CA PRO D 106 -14.24 -9.04 -10.63
C PRO D 106 -14.50 -8.33 -11.96
N ASN D 107 -14.16 -7.05 -12.06
CA ASN D 107 -14.44 -6.34 -13.30
C ASN D 107 -13.21 -5.90 -14.12
N THR D 108 -12.02 -6.20 -13.64
CA THR D 108 -10.81 -5.78 -14.36
C THR D 108 -10.47 -6.68 -15.55
N PRO D 109 -10.22 -6.06 -16.72
CA PRO D 109 -9.88 -6.86 -17.91
C PRO D 109 -8.59 -7.68 -17.72
N ILE D 110 -8.58 -8.85 -18.34
CA ILE D 110 -7.45 -9.76 -18.29
C ILE D 110 -6.93 -10.07 -19.68
N ILE D 111 -5.62 -10.03 -19.85
CA ILE D 111 -5.00 -10.40 -21.12
C ILE D 111 -4.23 -11.67 -20.77
N LEU D 112 -4.48 -12.76 -21.49
CA LEU D 112 -3.77 -14.01 -21.25
C LEU D 112 -2.50 -14.00 -22.12
N VAL D 113 -1.34 -14.12 -21.50
CA VAL D 113 -0.08 -14.10 -22.23
C VAL D 113 0.70 -15.40 -22.17
N GLY D 114 1.01 -15.95 -23.35
CA GLY D 114 1.79 -17.17 -23.45
C GLY D 114 3.21 -16.66 -23.67
N THR D 115 4.13 -17.06 -22.78
CA THR D 115 5.51 -16.59 -22.83
C THR D 115 6.52 -17.59 -23.42
N LYS D 116 7.75 -17.13 -23.62
CA LYS D 116 8.83 -17.96 -24.17
C LYS D 116 8.45 -18.56 -25.51
N LEU D 117 7.84 -17.74 -26.35
CA LEU D 117 7.42 -18.19 -27.68
C LEU D 117 8.58 -18.78 -28.49
N ASP D 118 9.78 -18.25 -28.31
CA ASP D 118 10.93 -18.74 -29.07
C ASP D 118 11.29 -20.19 -28.75
N LEU D 119 10.88 -20.68 -27.59
CA LEU D 119 11.20 -22.05 -27.22
C LEU D 119 10.22 -23.08 -27.76
N ARG D 120 9.05 -22.63 -28.23
CA ARG D 120 8.07 -23.59 -28.74
C ARG D 120 8.58 -24.45 -29.89
N ASP D 121 9.43 -23.89 -30.74
CA ASP D 121 9.99 -24.65 -31.86
C ASP D 121 11.42 -25.10 -31.59
N ASP D 122 11.92 -24.80 -30.39
CA ASP D 122 13.29 -25.17 -30.03
C ASP D 122 13.40 -26.68 -29.88
N LYS D 123 14.29 -27.29 -30.67
CA LYS D 123 14.47 -28.74 -30.66
C LYS D 123 14.78 -29.35 -29.30
N ASP D 124 15.74 -28.81 -28.58
CA ASP D 124 16.09 -29.35 -27.27
C ASP D 124 14.92 -29.27 -26.31
N THR D 125 14.17 -28.17 -26.35
CA THR D 125 13.02 -28.01 -25.46
C THR D 125 11.93 -29.04 -25.80
N ILE D 126 11.61 -29.19 -27.07
CA ILE D 126 10.59 -30.14 -27.50
C ILE D 126 10.97 -31.58 -27.11
N GLU D 127 12.23 -31.91 -27.32
CA GLU D 127 12.76 -33.23 -26.99
C GLU D 127 12.65 -33.53 -25.49
N LYS D 128 13.09 -32.59 -24.66
CA LYS D 128 13.01 -32.81 -23.21
C LYS D 128 11.56 -32.94 -22.75
N LEU D 129 10.66 -32.16 -23.35
CA LEU D 129 9.25 -32.26 -22.98
C LEU D 129 8.69 -33.63 -23.41
N LYS D 130 9.07 -34.05 -24.62
CA LYS D 130 8.61 -35.33 -25.15
C LYS D 130 9.00 -36.49 -24.24
N GLU D 131 10.20 -36.43 -23.66
CA GLU D 131 10.67 -37.47 -22.77
C GLU D 131 9.74 -37.63 -21.57
N LYS D 132 8.92 -36.61 -21.32
CA LYS D 132 7.97 -36.65 -20.20
C LYS D 132 6.55 -36.80 -20.70
N LYS D 133 6.40 -37.05 -22.00
CA LYS D 133 5.09 -37.21 -22.61
C LYS D 133 4.31 -35.90 -22.57
N LEU D 134 5.03 -34.79 -22.75
CA LEU D 134 4.41 -33.47 -22.75
C LEU D 134 4.72 -32.82 -24.09
N THR D 135 3.97 -31.77 -24.41
CA THR D 135 4.18 -31.05 -25.66
C THR D 135 3.90 -29.58 -25.37
N PRO D 136 4.51 -28.67 -26.15
CA PRO D 136 4.27 -27.25 -25.91
C PRO D 136 2.79 -26.90 -26.08
N ILE D 137 2.36 -25.82 -25.42
CA ILE D 137 0.98 -25.37 -25.53
C ILE D 137 0.86 -24.70 -26.92
N THR D 138 -0.18 -25.06 -27.68
CA THR D 138 -0.40 -24.52 -29.03
C THR D 138 -1.25 -23.25 -28.97
N TYR D 139 -1.23 -22.47 -30.05
CA TYR D 139 -2.03 -21.25 -30.10
C TYR D 139 -3.52 -21.55 -29.90
N PRO D 140 -4.04 -22.62 -30.54
CA PRO D 140 -5.47 -22.91 -30.34
C PRO D 140 -5.80 -23.22 -28.87
N GLN D 141 -4.91 -23.94 -28.20
CA GLN D 141 -5.16 -24.27 -26.78
C GLN D 141 -5.16 -22.99 -25.95
N GLY D 142 -4.18 -22.12 -26.20
CA GLY D 142 -4.10 -20.87 -25.48
C GLY D 142 -5.34 -20.02 -25.69
N LEU D 143 -5.77 -19.91 -26.94
CA LEU D 143 -6.96 -19.13 -27.29
C LEU D 143 -8.18 -19.70 -26.57
N ALA D 144 -8.28 -21.01 -26.47
CA ALA D 144 -9.42 -21.63 -25.80
C ALA D 144 -9.41 -21.33 -24.29
N MET D 145 -8.22 -21.30 -23.68
CA MET D 145 -8.09 -20.99 -22.26
C MET D 145 -8.54 -19.54 -22.06
N ALA D 146 -8.11 -18.66 -22.96
CA ALA D 146 -8.48 -17.25 -22.88
C ALA D 146 -10.01 -17.08 -22.94
N LYS D 147 -10.67 -17.85 -23.81
CA LYS D 147 -12.13 -17.74 -23.89
C LYS D 147 -12.74 -18.33 -22.62
N GLU D 148 -12.14 -19.40 -22.13
CA GLU D 148 -12.62 -20.05 -20.91
C GLU D 148 -12.61 -19.08 -19.72
N ILE D 149 -11.56 -18.26 -19.62
CA ILE D 149 -11.45 -17.35 -18.49
C ILE D 149 -11.95 -15.94 -18.77
N GLY D 150 -12.50 -15.70 -19.95
CA GLY D 150 -13.00 -14.39 -20.29
C GLY D 150 -11.96 -13.29 -20.52
N ALA D 151 -10.75 -13.68 -20.91
CA ALA D 151 -9.70 -12.69 -21.15
C ALA D 151 -10.13 -11.90 -22.39
N VAL D 152 -9.77 -10.63 -22.47
CA VAL D 152 -10.16 -9.83 -23.64
C VAL D 152 -9.30 -10.17 -24.85
N LYS D 153 -8.13 -10.74 -24.61
CA LYS D 153 -7.22 -11.13 -25.68
C LYS D 153 -6.27 -12.23 -25.24
N TYR D 154 -5.80 -13.03 -26.19
CA TYR D 154 -4.82 -14.06 -25.97
C TYR D 154 -3.65 -13.63 -26.84
N LEU D 155 -2.47 -13.46 -26.26
CA LEU D 155 -1.30 -13.04 -27.02
C LEU D 155 -0.07 -13.86 -26.61
N GLU D 156 0.78 -14.17 -27.58
CA GLU D 156 1.98 -14.95 -27.31
C GLU D 156 3.19 -14.06 -27.57
N CYS D 157 4.24 -14.25 -26.79
CA CYS D 157 5.41 -13.41 -26.99
C CYS D 157 6.67 -14.06 -26.48
N SER D 158 7.80 -13.47 -26.87
CA SER D 158 9.10 -13.91 -26.41
C SER D 158 9.79 -12.66 -25.86
N ALA D 159 10.22 -12.70 -24.61
CA ALA D 159 10.92 -11.54 -24.06
C ALA D 159 12.32 -11.46 -24.70
N LEU D 160 12.87 -12.62 -25.06
CA LEU D 160 14.19 -12.70 -25.65
C LEU D 160 14.30 -12.15 -27.09
N THR D 161 13.42 -12.61 -27.97
CA THR D 161 13.43 -12.14 -29.35
C THR D 161 12.53 -10.91 -29.53
N GLN D 162 11.70 -10.65 -28.53
CA GLN D 162 10.72 -9.55 -28.52
C GLN D 162 9.57 -9.72 -29.50
N ARG D 163 9.48 -10.89 -30.14
CA ARG D 163 8.38 -11.11 -31.06
C ARG D 163 7.07 -11.06 -30.25
N GLY D 164 6.15 -10.21 -30.69
CA GLY D 164 4.86 -10.07 -30.02
C GLY D 164 4.85 -9.30 -28.71
N LEU D 165 6.03 -8.89 -28.24
CA LEU D 165 6.14 -8.19 -26.96
C LEU D 165 5.47 -6.82 -26.94
N LYS D 166 5.74 -6.01 -27.95
CA LYS D 166 5.14 -4.67 -28.02
C LYS D 166 3.62 -4.80 -28.06
N THR D 167 3.11 -5.74 -28.84
CA THR D 167 1.66 -5.93 -28.95
C THR D 167 0.99 -6.26 -27.62
N VAL D 168 1.67 -7.03 -26.79
CA VAL D 168 1.12 -7.38 -25.48
C VAL D 168 0.73 -6.11 -24.73
N PHE D 169 1.63 -5.15 -24.68
CA PHE D 169 1.37 -3.91 -23.96
C PHE D 169 0.47 -2.90 -24.67
N ASP D 170 0.51 -2.87 -26.00
CA ASP D 170 -0.35 -1.95 -26.75
C ASP D 170 -1.78 -2.40 -26.45
N GLU D 171 -2.00 -3.72 -26.48
CA GLU D 171 -3.33 -4.27 -26.24
C GLU D 171 -3.80 -4.13 -24.80
N ALA D 172 -2.88 -4.26 -23.85
CA ALA D 172 -3.22 -4.12 -22.44
C ALA D 172 -3.75 -2.70 -22.23
N ILE D 173 -3.06 -1.74 -22.85
CA ILE D 173 -3.47 -0.34 -22.75
C ILE D 173 -4.82 -0.15 -23.44
N ARG D 174 -4.98 -0.72 -24.62
CA ARG D 174 -6.23 -0.60 -25.37
C ARG D 174 -7.42 -1.19 -24.64
N ALA D 175 -7.18 -2.20 -23.81
CA ALA D 175 -8.27 -2.80 -23.07
C ALA D 175 -8.76 -1.87 -21.96
N VAL D 176 -7.99 -0.83 -21.67
CA VAL D 176 -8.34 0.14 -20.64
C VAL D 176 -8.77 1.45 -21.30
NI NI E . -0.77 19.14 38.69
PB GDP F . -10.82 16.07 10.76
O1B GDP F . -10.67 16.95 9.58
O2B GDP F . -11.16 14.69 10.50
O3B GDP F . -9.50 16.04 11.61
O3A GDP F . -11.92 16.76 11.76
PA GDP F . -13.29 16.04 12.27
O1A GDP F . -14.07 15.54 11.16
O2A GDP F . -12.95 15.14 13.37
O5' GDP F . -14.12 17.25 12.74
C5' GDP F . -13.71 18.00 13.83
C4' GDP F . -14.87 18.55 14.63
O4' GDP F . -15.55 19.68 14.07
C3' GDP F . -15.94 17.52 14.97
O3' GDP F . -15.63 16.95 16.25
C2' GDP F . -17.24 18.35 14.96
O2' GDP F . -17.68 18.79 16.26
C1' GDP F . -16.96 19.57 14.10
N9 GDP F . -17.57 19.56 12.79
C8 GDP F . -17.26 18.88 11.67
N7 GDP F . -18.02 19.12 10.64
C5 GDP F . -18.92 20.05 11.11
C6 GDP F . -20.01 20.74 10.45
O6 GDP F . -20.43 20.65 9.29
N1 GDP F . -20.66 21.62 11.32
C2 GDP F . -20.34 21.84 12.65
N2 GDP F . -21.07 22.71 13.35
N3 GDP F . -19.31 21.19 13.25
C4 GDP F . -18.64 20.33 12.42
AL AF3 G . -7.86 14.83 11.69
F1 AF3 G . -7.36 15.71 13.27
F2 AF3 G . -6.98 15.59 10.19
F3 AF3 G . -8.81 13.36 11.66
MG MG H . -10.51 12.79 10.79
NI NI I . 9.32 14.70 -2.98
NI NI J . -8.63 6.11 -12.44
NI NI J . -8.14 3.41 -13.70
PB GDP K . 9.40 -14.99 -13.30
O1B GDP K . 8.08 -15.20 -13.95
O2B GDP K . 9.73 -13.62 -12.97
O3B GDP K . 9.50 -15.78 -11.95
O3A GDP K . 10.51 -15.66 -14.28
PA GDP K . 11.82 -14.87 -14.87
O1A GDP K . 11.41 -13.72 -15.65
O2A GDP K . 12.79 -14.69 -13.80
O5' GDP K . 12.28 -15.87 -15.94
C5' GDP K . 12.78 -17.14 -15.60
C4' GDP K . 13.80 -17.63 -16.63
O4' GDP K . 13.29 -18.09 -17.89
C3' GDP K . 14.90 -16.62 -16.96
O3' GDP K . 16.00 -16.87 -16.08
C2' GDP K . 15.20 -16.89 -18.43
O2' GDP K . 16.36 -17.71 -18.65
C1' GDP K . 13.99 -17.59 -19.01
N9 GDP K . 13.17 -16.78 -19.89
C8 GDP K . 12.30 -15.78 -19.63
N7 GDP K . 11.72 -15.26 -20.66
C5 GDP K . 12.22 -15.98 -21.72
C6 GDP K . 11.97 -15.90 -23.14
O6 GDP K . 11.21 -15.16 -23.79
N1 GDP K . 12.72 -16.84 -23.85
C2 GDP K . 13.61 -17.75 -23.31
N2 GDP K . 14.25 -18.59 -24.16
N3 GDP K . 13.84 -17.82 -21.98
C4 GDP K . 13.11 -16.91 -21.25
AL AF3 L . 9.14 -15.36 -9.99
F1 AF3 L . 10.01 -13.74 -10.10
F2 AF3 L . 10.05 -16.89 -9.46
F3 AF3 L . 7.28 -15.59 -10.05
MG MG M . 10.30 -12.41 -11.44
NI NI N . -11.15 -13.49 -0.05
#